data_3RQF
#
_entry.id   3RQF
#
_cell.length_a   62.862
_cell.length_b   115.469
_cell.length_c   124.379
_cell.angle_alpha   90.00
_cell.angle_beta   90.00
_cell.angle_gamma   90.00
#
_symmetry.space_group_name_H-M   'P 21 21 21'
#
loop_
_entity.id
_entity.type
_entity.pdbx_description
1 polymer 'Programmed cell death protein 10'
2 polymer 'Paxillin LD2 peptide'
3 water water
#
loop_
_entity_poly.entity_id
_entity_poly.type
_entity_poly.pdbx_seq_one_letter_code
_entity_poly.pdbx_strand_id
1 'polypeptide(L)'
;GHMRMTMEEMKNEAETTSMVSMPLYAVMYPVFNELERVNLSAAQTLRAAFIKAEKENPGLTQDIIMKILEKKSVEVNFTE
SLLRMAADDVEEYMIERPEPEFQDLNEKARALKQILSKIPDEINDRVRFLQTIKDIASAIKELLDTVNNVFKKYQYQNRR
ALEHQKKEFVKYSKSFSDTLKTYFKDGKAINVFVSANRLIHQTNLILQTFKTVA
;
A,B,C,D
2 'polypeptide(L)' NLSELDRLLLELN E
#
# COMPACT_ATOMS: atom_id res chain seq x y z
N SER A 18 -12.54 -4.49 -0.38
CA SER A 18 -11.64 -4.93 -1.49
C SER A 18 -10.75 -3.80 -2.00
N MET A 19 -9.47 -4.11 -2.19
CA MET A 19 -8.57 -3.14 -2.78
C MET A 19 -7.78 -3.65 -3.99
N VAL A 20 -8.48 -3.78 -5.11
CA VAL A 20 -7.84 -3.82 -6.43
C VAL A 20 -7.17 -2.48 -6.67
N SER A 21 -7.39 -1.55 -5.75
CA SER A 21 -6.89 -0.18 -5.84
C SER A 21 -5.69 0.13 -4.95
N MET A 22 -5.32 -0.80 -4.06
CA MET A 22 -4.19 -0.59 -3.15
C MET A 22 -2.89 -0.13 -3.85
N PRO A 23 -2.52 -0.76 -5.00
CA PRO A 23 -1.30 -0.42 -5.73
C PRO A 23 -1.21 1.03 -6.19
N LEU A 24 -2.35 1.71 -6.33
CA LEU A 24 -2.33 3.13 -6.60
C LEU A 24 -1.63 3.86 -5.45
N TYR A 25 -2.05 3.53 -4.23
CA TYR A 25 -1.54 4.16 -3.03
C TYR A 25 -0.20 3.58 -2.61
N ALA A 26 -0.04 2.27 -2.79
CA ALA A 26 1.15 1.57 -2.30
C ALA A 26 2.32 1.65 -3.25
N VAL A 27 2.06 1.82 -4.54
CA VAL A 27 3.13 1.95 -5.53
C VAL A 27 3.18 3.36 -6.14
N MET A 28 2.09 3.80 -6.75
CA MET A 28 2.12 5.04 -7.56
C MET A 28 2.31 6.31 -6.73
N TYR A 29 1.58 6.44 -5.63
CA TYR A 29 1.76 7.56 -4.71
C TYR A 29 3.22 7.74 -4.26
N PRO A 30 3.83 6.68 -3.68
CA PRO A 30 5.24 6.78 -3.32
C PRO A 30 6.14 7.14 -4.51
N VAL A 31 5.81 6.62 -5.69
CA VAL A 31 6.62 6.88 -6.90
C VAL A 31 6.59 8.36 -7.25
N PHE A 32 5.39 8.95 -7.20
CA PHE A 32 5.23 10.38 -7.46
C PHE A 32 5.82 11.24 -6.33
N ASN A 33 5.57 10.85 -5.08
CA ASN A 33 6.13 11.54 -3.92
C ASN A 33 7.65 11.67 -3.98
N GLU A 34 8.31 10.60 -4.44
CA GLU A 34 9.77 10.53 -4.44
C GLU A 34 10.40 11.21 -5.67
N LEU A 35 9.55 11.68 -6.57
CA LEU A 35 10.01 12.38 -7.77
C LEU A 35 9.66 13.87 -7.77
N GLU A 36 9.25 14.38 -6.61
CA GLU A 36 8.82 15.78 -6.47
C GLU A 36 9.95 16.79 -6.61
N ARG A 37 11.14 16.44 -6.13
CA ARG A 37 12.28 17.35 -6.15
C ARG A 37 12.85 17.53 -7.57
N VAL A 38 12.69 16.49 -8.40
CA VAL A 38 13.07 16.54 -9.80
C VAL A 38 12.12 17.48 -10.56
N ASN A 39 10.82 17.22 -10.42
CA ASN A 39 9.78 18.13 -10.88
C ASN A 39 8.49 17.95 -10.07
N LEU A 40 7.91 19.07 -9.65
CA LEU A 40 6.75 19.07 -8.76
C LEU A 40 5.43 19.00 -9.52
N SER A 41 5.28 19.88 -10.52
CA SER A 41 4.03 20.00 -11.28
C SER A 41 3.65 18.74 -12.03
N ALA A 42 4.65 18.08 -12.61
CA ALA A 42 4.45 16.85 -13.36
C ALA A 42 4.02 15.72 -12.43
N ALA A 43 4.71 15.62 -11.29
CA ALA A 43 4.34 14.66 -10.24
C ALA A 43 2.89 14.83 -9.80
N GLN A 44 2.46 16.08 -9.63
CA GLN A 44 1.09 16.40 -9.25
C GLN A 44 0.07 16.06 -10.34
N THR A 45 0.37 16.43 -11.59
CA THR A 45 -0.57 16.24 -12.70
C THR A 45 -0.78 14.75 -13.00
N LEU A 46 0.30 13.97 -12.89
CA LEU A 46 0.22 12.52 -13.09
C LEU A 46 -0.50 11.81 -11.94
N ARG A 47 -0.23 12.23 -10.69
CA ARG A 47 -0.98 11.72 -9.56
C ARG A 47 -2.47 11.85 -9.83
N ALA A 48 -2.90 13.09 -10.09
CA ALA A 48 -4.28 13.42 -10.41
C ALA A 48 -4.81 12.58 -11.58
N ALA A 49 -3.99 12.40 -12.60
CA ALA A 49 -4.37 11.58 -13.75
C ALA A 49 -4.65 10.14 -13.34
N PHE A 50 -3.74 9.54 -12.59
CA PHE A 50 -3.89 8.16 -12.10
C PHE A 50 -5.07 7.99 -11.14
N ILE A 51 -5.28 8.98 -10.28
CA ILE A 51 -6.37 8.95 -9.32
C ILE A 51 -7.71 8.96 -10.04
N LYS A 52 -7.83 9.83 -11.04
CA LYS A 52 -9.06 9.95 -11.81
C LYS A 52 -9.32 8.68 -12.62
N ALA A 53 -8.27 8.16 -13.23
CA ALA A 53 -8.34 6.91 -13.98
C ALA A 53 -8.73 5.74 -13.09
N GLU A 54 -8.21 5.69 -11.87
CA GLU A 54 -8.48 4.59 -10.95
C GLU A 54 -9.90 4.63 -10.42
N LYS A 55 -10.41 5.84 -10.18
CA LYS A 55 -11.77 6.02 -9.69
C LYS A 55 -12.80 5.67 -10.77
N GLU A 56 -12.51 6.00 -12.02
CA GLU A 56 -13.37 5.60 -13.14
C GLU A 56 -13.21 4.12 -13.44
N ASN A 57 -12.02 3.60 -13.22
CA ASN A 57 -11.68 2.22 -13.58
C ASN A 57 -10.93 1.50 -12.45
N PRO A 58 -11.67 0.96 -11.45
CA PRO A 58 -11.01 0.25 -10.36
C PRO A 58 -10.20 -0.94 -10.86
N GLY A 59 -8.93 -1.00 -10.46
CA GLY A 59 -8.04 -2.07 -10.85
C GLY A 59 -7.15 -1.75 -12.04
N LEU A 60 -7.38 -0.58 -12.65
CA LEU A 60 -6.61 -0.16 -13.81
C LEU A 60 -5.13 0.07 -13.51
N THR A 61 -4.86 0.69 -12.35
CA THR A 61 -3.49 1.02 -11.97
C THR A 61 -2.64 -0.24 -11.80
N GLN A 62 -3.24 -1.28 -11.23
CA GLN A 62 -2.57 -2.58 -11.07
C GLN A 62 -2.24 -3.22 -12.41
N ASP A 63 -3.18 -3.15 -13.36
CA ASP A 63 -3.00 -3.70 -14.68
C ASP A 63 -1.88 -2.98 -15.43
N ILE A 64 -1.82 -1.66 -15.25
CA ILE A 64 -0.76 -0.82 -15.81
C ILE A 64 0.60 -1.19 -15.22
N ILE A 65 0.66 -1.27 -13.89
CA ILE A 65 1.90 -1.60 -13.18
C ILE A 65 2.46 -2.94 -13.68
N MET A 66 1.61 -3.95 -13.74
CA MET A 66 1.99 -5.27 -14.24
C MET A 66 2.50 -5.25 -15.69
N LYS A 67 1.89 -4.43 -16.54
CA LYS A 67 2.32 -4.34 -17.93
C LYS A 67 3.68 -3.65 -18.06
N ILE A 68 3.98 -2.74 -17.13
CA ILE A 68 5.30 -2.15 -17.03
C ILE A 68 6.32 -3.18 -16.55
N LEU A 69 5.99 -3.90 -15.48
CA LEU A 69 6.87 -4.96 -14.93
C LEU A 69 7.18 -6.07 -15.93
N GLU A 70 6.26 -6.30 -16.87
CA GLU A 70 6.44 -7.32 -17.91
C GLU A 70 7.37 -6.85 -19.04
N LYS A 71 7.74 -5.57 -19.02
CA LYS A 71 8.66 -5.00 -19.99
C LYS A 71 10.10 -4.93 -19.45
N LYS A 72 10.35 -5.70 -18.39
CA LYS A 72 11.66 -5.79 -17.73
C LYS A 72 12.85 -5.88 -18.70
N SER A 73 12.73 -6.72 -19.72
CA SER A 73 13.78 -6.92 -20.73
C SER A 73 14.10 -5.60 -21.42
N VAL A 74 13.08 -4.98 -22.02
CA VAL A 74 13.21 -3.72 -22.74
C VAL A 74 13.87 -2.64 -21.88
N GLU A 75 13.44 -2.56 -20.62
CA GLU A 75 13.92 -1.54 -19.71
C GLU A 75 15.37 -1.76 -19.26
N VAL A 76 15.76 -3.04 -19.17
CA VAL A 76 17.14 -3.39 -18.88
C VAL A 76 18.02 -2.98 -20.06
N ASN A 77 17.59 -3.37 -21.27
CA ASN A 77 18.31 -3.02 -22.49
C ASN A 77 18.53 -1.51 -22.63
N PHE A 78 17.49 -0.73 -22.34
CA PHE A 78 17.59 0.73 -22.38
C PHE A 78 18.56 1.29 -21.33
N THR A 79 18.44 0.80 -20.10
CA THR A 79 19.29 1.27 -19.01
C THR A 79 20.76 0.94 -19.27
N GLU A 80 21.01 -0.20 -19.91
CA GLU A 80 22.34 -0.56 -20.39
C GLU A 80 22.87 0.48 -21.39
N SER A 81 22.06 0.79 -22.41
CA SER A 81 22.42 1.76 -23.43
C SER A 81 22.71 3.13 -22.83
N LEU A 82 21.83 3.56 -21.93
CA LEU A 82 21.93 4.85 -21.25
C LEU A 82 23.20 4.98 -20.44
N LEU A 83 23.67 3.85 -19.90
CA LEU A 83 24.93 3.79 -19.18
C LEU A 83 26.12 3.80 -20.15
N ARG A 84 26.07 2.96 -21.17
CA ARG A 84 27.14 2.87 -22.17
C ARG A 84 27.44 4.22 -22.80
N MET A 85 26.41 5.07 -22.89
CA MET A 85 26.47 6.36 -23.55
C MET A 85 26.93 7.47 -22.61
N ALA A 86 26.78 7.24 -21.31
CA ALA A 86 27.15 8.22 -20.28
C ALA A 86 28.65 8.53 -20.25
N ALA A 87 29.45 7.63 -20.81
CA ALA A 87 30.91 7.79 -20.79
C ALA A 87 31.43 8.75 -21.85
N ASP A 88 31.43 8.33 -23.11
CA ASP A 88 32.15 9.03 -24.18
C ASP A 88 32.28 10.53 -23.94
N ASP A 89 33.52 11.02 -24.01
CA ASP A 89 33.87 12.40 -23.65
C ASP A 89 32.86 13.41 -24.21
N VAL A 90 31.99 13.87 -23.32
CA VAL A 90 30.95 14.84 -23.67
C VAL A 90 31.53 16.26 -23.63
N GLU A 91 31.33 17.00 -24.72
CA GLU A 91 31.89 18.35 -24.89
C GLU A 91 31.22 19.38 -23.98
N GLU A 92 31.58 19.35 -22.70
CA GLU A 92 31.11 20.32 -21.72
C GLU A 92 32.04 20.37 -20.51
N TYR A 93 32.17 19.23 -19.83
CA TYR A 93 33.00 19.11 -18.64
C TYR A 93 34.43 18.75 -19.02
N MET A 94 35.30 19.76 -19.00
CA MET A 94 36.69 19.62 -19.41
C MET A 94 37.45 20.83 -18.87
N ILE A 95 38.30 20.60 -17.87
CA ILE A 95 39.04 21.67 -17.22
C ILE A 95 40.17 22.19 -18.11
N GLU A 96 40.12 23.50 -18.37
CA GLU A 96 41.02 24.15 -19.33
C GLU A 96 42.46 24.29 -18.80
N ARG A 97 42.60 24.34 -17.48
CA ARG A 97 43.91 24.57 -16.84
C ARG A 97 44.98 23.55 -17.22
N PRO A 98 46.16 24.03 -17.65
CA PRO A 98 47.24 23.15 -18.11
C PRO A 98 48.06 22.51 -16.99
N GLU A 99 47.82 22.93 -15.75
CA GLU A 99 48.54 22.38 -14.58
C GLU A 99 48.37 20.87 -14.46
N PRO A 100 49.45 20.16 -14.05
CA PRO A 100 49.46 18.69 -13.94
C PRO A 100 48.35 18.11 -13.06
N GLU A 101 48.09 18.75 -11.92
CA GLU A 101 47.04 18.30 -11.00
C GLU A 101 45.65 18.31 -11.65
N PHE A 102 45.35 19.39 -12.38
CA PHE A 102 44.06 19.53 -13.07
C PHE A 102 43.92 18.53 -14.21
N GLN A 103 45.02 18.29 -14.93
CA GLN A 103 45.04 17.34 -16.04
C GLN A 103 44.87 15.91 -15.55
N ASP A 104 45.46 15.61 -14.39
CA ASP A 104 45.35 14.31 -13.76
C ASP A 104 43.91 14.05 -13.32
N LEU A 105 43.19 15.12 -13.00
CA LEU A 105 41.78 15.04 -12.63
C LEU A 105 40.89 14.72 -13.83
N ASN A 106 41.14 15.40 -14.95
CA ASN A 106 40.41 15.17 -16.19
C ASN A 106 40.45 13.71 -16.62
N GLU A 107 41.63 13.10 -16.48
CA GLU A 107 41.87 11.74 -16.96
C GLU A 107 41.45 10.64 -15.99
N LYS A 108 41.61 10.87 -14.68
CA LYS A 108 41.16 9.90 -13.68
C LYS A 108 39.65 9.78 -13.67
N ALA A 109 38.96 10.88 -13.98
CA ALA A 109 37.51 10.89 -14.17
C ALA A 109 37.14 10.20 -15.47
N ARG A 110 37.96 10.43 -16.51
CA ARG A 110 37.78 9.77 -17.80
C ARG A 110 37.82 8.26 -17.65
N ALA A 111 38.80 7.77 -16.87
CA ALA A 111 38.97 6.34 -16.61
C ALA A 111 37.80 5.74 -15.83
N LEU A 112 37.32 6.47 -14.83
CA LEU A 112 36.18 6.02 -14.04
C LEU A 112 34.90 5.95 -14.86
N LYS A 113 34.64 7.01 -15.62
CA LYS A 113 33.48 7.06 -16.51
C LYS A 113 33.57 5.97 -17.58
N GLN A 114 34.78 5.77 -18.12
CA GLN A 114 35.05 4.69 -19.06
C GLN A 114 34.72 3.31 -18.47
N ILE A 115 35.27 3.02 -17.29
CA ILE A 115 35.10 1.70 -16.68
C ILE A 115 33.66 1.42 -16.24
N LEU A 116 32.97 2.44 -15.73
CA LEU A 116 31.58 2.28 -15.29
C LEU A 116 30.62 2.06 -16.46
N SER A 117 30.97 2.61 -17.63
CA SER A 117 30.12 2.53 -18.82
C SER A 117 30.15 1.16 -19.47
N LYS A 118 31.17 0.37 -19.14
CA LYS A 118 31.35 -0.94 -19.75
C LYS A 118 30.78 -2.08 -18.91
N ILE A 119 30.25 -1.75 -17.72
CA ILE A 119 29.61 -2.73 -16.82
C ILE A 119 28.61 -3.65 -17.55
N PRO A 120 27.70 -3.07 -18.36
CA PRO A 120 26.69 -3.88 -19.07
C PRO A 120 27.26 -5.06 -19.86
N ASP A 121 28.49 -4.94 -20.34
CA ASP A 121 29.07 -5.97 -21.19
C ASP A 121 30.08 -6.86 -20.47
N GLU A 122 30.09 -6.80 -19.15
CA GLU A 122 30.97 -7.64 -18.34
C GLU A 122 30.27 -8.33 -17.17
N ILE A 123 29.12 -7.80 -16.78
CA ILE A 123 28.40 -8.28 -15.59
C ILE A 123 27.92 -9.74 -15.68
N ASN A 124 27.65 -10.20 -16.90
CA ASN A 124 27.16 -11.56 -17.12
C ASN A 124 28.27 -12.62 -17.24
N ASP A 125 29.42 -12.32 -16.64
CA ASP A 125 30.58 -13.21 -16.58
C ASP A 125 31.28 -13.01 -15.25
N ARG A 126 31.22 -14.02 -14.37
CA ARG A 126 31.78 -13.92 -13.03
C ARG A 126 33.23 -13.46 -13.00
N VAL A 127 34.08 -14.12 -13.79
CA VAL A 127 35.53 -13.87 -13.78
C VAL A 127 35.86 -12.43 -14.20
N ARG A 128 35.33 -12.04 -15.37
CA ARG A 128 35.59 -10.72 -15.94
C ARG A 128 35.03 -9.59 -15.06
N PHE A 129 33.83 -9.81 -14.52
CA PHE A 129 33.18 -8.84 -13.64
C PHE A 129 33.90 -8.68 -12.31
N LEU A 130 34.49 -9.77 -11.82
CA LEU A 130 35.35 -9.74 -10.63
C LEU A 130 36.57 -8.84 -10.87
N GLN A 131 37.12 -8.92 -12.07
CA GLN A 131 38.22 -8.03 -12.48
C GLN A 131 37.73 -6.59 -12.56
N THR A 132 36.55 -6.39 -13.14
CA THR A 132 35.97 -5.05 -13.34
C THR A 132 35.72 -4.34 -12.02
N ILE A 133 35.20 -5.07 -11.04
CA ILE A 133 34.97 -4.53 -9.70
C ILE A 133 36.26 -4.03 -9.05
N LYS A 134 37.33 -4.81 -9.20
CA LYS A 134 38.66 -4.42 -8.70
C LYS A 134 39.16 -3.15 -9.38
N ASP A 135 38.89 -3.04 -10.68
CA ASP A 135 39.31 -1.87 -11.46
C ASP A 135 38.51 -0.62 -11.14
N ILE A 136 37.20 -0.80 -10.95
CA ILE A 136 36.30 0.29 -10.52
C ILE A 136 36.75 0.85 -9.17
N ALA A 137 37.02 -0.05 -8.22
CA ALA A 137 37.53 0.33 -6.90
C ALA A 137 38.81 1.15 -7.01
N SER A 138 39.72 0.70 -7.87
CA SER A 138 40.96 1.41 -8.13
C SER A 138 40.70 2.76 -8.78
N ALA A 139 39.80 2.78 -9.76
CA ALA A 139 39.45 3.99 -10.51
C ALA A 139 38.83 5.06 -9.63
N ILE A 140 38.00 4.62 -8.67
CA ILE A 140 37.40 5.50 -7.68
C ILE A 140 38.48 6.08 -6.74
N LYS A 141 39.31 5.19 -6.21
CA LYS A 141 40.36 5.56 -5.26
C LYS A 141 41.32 6.56 -5.89
N GLU A 142 41.70 6.31 -7.15
CA GLU A 142 42.63 7.17 -7.87
C GLU A 142 42.03 8.54 -8.20
N LEU A 143 40.71 8.58 -8.41
CA LEU A 143 40.02 9.84 -8.61
C LEU A 143 39.99 10.64 -7.30
N LEU A 144 39.75 9.94 -6.20
CA LEU A 144 39.81 10.54 -4.87
C LEU A 144 41.18 11.13 -4.57
N ASP A 145 42.23 10.48 -5.07
CA ASP A 145 43.59 10.98 -4.93
C ASP A 145 43.81 12.25 -5.74
N THR A 146 43.31 12.25 -6.98
CA THR A 146 43.46 13.39 -7.87
C THR A 146 42.61 14.60 -7.45
N VAL A 147 41.55 14.33 -6.70
CA VAL A 147 40.72 15.38 -6.09
C VAL A 147 41.43 15.95 -4.86
N ASN A 148 42.06 15.07 -4.07
CA ASN A 148 42.81 15.47 -2.89
C ASN A 148 44.07 16.27 -3.21
N ASN A 149 44.72 15.91 -4.32
CA ASN A 149 45.95 16.56 -4.76
C ASN A 149 45.70 17.95 -5.34
N VAL A 150 44.48 18.20 -5.79
CA VAL A 150 44.16 19.44 -6.50
C VAL A 150 43.67 20.56 -5.57
N PHE A 151 43.31 20.20 -4.34
CA PHE A 151 42.82 21.17 -3.35
C PHE A 151 43.76 22.37 -3.16
N LYS A 152 45.07 22.11 -3.17
CA LYS A 152 46.09 23.14 -2.97
C LYS A 152 46.10 24.27 -4.01
N LYS A 153 45.47 24.02 -5.16
CA LYS A 153 45.43 24.99 -6.26
C LYS A 153 44.38 26.09 -6.06
N TYR A 154 43.49 25.88 -5.10
CA TYR A 154 42.45 26.84 -4.77
C TYR A 154 42.77 27.55 -3.45
N GLN A 155 42.36 28.82 -3.35
CA GLN A 155 42.49 29.56 -2.10
C GLN A 155 41.80 28.79 -0.99
N TYR A 156 42.55 28.48 0.07
CA TYR A 156 42.11 27.55 1.10
C TYR A 156 40.88 28.03 1.87
N GLN A 157 40.63 29.33 1.84
CA GLN A 157 39.43 29.91 2.44
C GLN A 157 38.23 29.94 1.48
N ASN A 158 38.32 29.17 0.40
CA ASN A 158 37.30 29.15 -0.64
C ASN A 158 37.17 27.76 -1.27
N ARG A 159 36.86 26.78 -0.43
CA ARG A 159 36.75 25.38 -0.86
C ARG A 159 35.45 24.72 -0.43
N ARG A 160 34.48 25.53 0.03
CA ARG A 160 33.17 25.03 0.48
C ARG A 160 32.56 24.10 -0.57
N ALA A 161 32.42 24.60 -1.79
CA ALA A 161 31.82 23.86 -2.89
C ALA A 161 32.62 22.61 -3.22
N LEU A 162 33.95 22.77 -3.32
CA LEU A 162 34.84 21.64 -3.63
C LEU A 162 34.68 20.52 -2.62
N GLU A 163 34.77 20.85 -1.34
CA GLU A 163 34.63 19.89 -0.24
C GLU A 163 33.24 19.23 -0.27
N HIS A 164 32.20 20.05 -0.45
CA HIS A 164 30.83 19.56 -0.52
C HIS A 164 30.62 18.59 -1.67
N GLN A 165 31.21 18.91 -2.82
CA GLN A 165 31.11 18.06 -4.00
C GLN A 165 31.90 16.77 -3.83
N LYS A 166 33.00 16.83 -3.07
CA LYS A 166 33.77 15.64 -2.74
C LYS A 166 32.93 14.70 -1.89
N LYS A 167 32.24 15.25 -0.89
CA LYS A 167 31.42 14.46 0.03
C LYS A 167 30.30 13.77 -0.72
N GLU A 168 29.59 14.52 -1.56
CA GLU A 168 28.52 13.98 -2.39
C GLU A 168 28.99 12.86 -3.30
N PHE A 169 30.17 13.01 -3.90
CA PHE A 169 30.77 11.95 -4.68
C PHE A 169 31.08 10.72 -3.83
N VAL A 170 31.59 10.94 -2.62
CA VAL A 170 31.90 9.86 -1.67
C VAL A 170 30.63 9.12 -1.24
N LYS A 171 29.54 9.86 -1.07
CA LYS A 171 28.23 9.28 -0.75
C LYS A 171 27.77 8.33 -1.86
N TYR A 172 27.79 8.80 -3.10
CA TYR A 172 27.35 7.99 -4.24
C TYR A 172 28.29 6.82 -4.57
N SER A 173 29.55 6.93 -4.15
CA SER A 173 30.52 5.83 -4.26
C SER A 173 30.20 4.72 -3.25
N LYS A 174 29.89 5.11 -2.00
CA LYS A 174 29.39 4.17 -1.00
C LYS A 174 28.11 3.51 -1.50
N SER A 175 27.21 4.34 -2.04
CA SER A 175 25.92 3.90 -2.55
C SER A 175 26.09 2.84 -3.63
N PHE A 176 27.09 3.02 -4.48
CA PHE A 176 27.41 2.08 -5.55
C PHE A 176 28.02 0.79 -4.99
N SER A 177 28.82 0.93 -3.95
CA SER A 177 29.43 -0.20 -3.27
C SER A 177 28.37 -1.07 -2.58
N ASP A 178 27.41 -0.41 -1.93
CA ASP A 178 26.27 -1.09 -1.30
C ASP A 178 25.40 -1.78 -2.35
N THR A 179 25.15 -1.09 -3.46
CA THR A 179 24.40 -1.66 -4.60
C THR A 179 25.09 -2.92 -5.12
N LEU A 180 26.41 -2.85 -5.24
CA LEU A 180 27.23 -3.95 -5.73
C LEU A 180 27.21 -5.14 -4.76
N LYS A 181 27.08 -4.83 -3.46
CA LYS A 181 26.94 -5.88 -2.44
C LYS A 181 25.61 -6.61 -2.57
N THR A 182 24.55 -5.88 -2.87
CA THR A 182 23.20 -6.46 -2.98
C THR A 182 23.07 -7.33 -4.22
N TYR A 183 23.85 -7.00 -5.26
CA TYR A 183 23.82 -7.72 -6.53
C TYR A 183 24.17 -9.20 -6.36
N PHE A 184 25.17 -9.49 -5.51
CA PHE A 184 25.62 -10.86 -5.32
C PHE A 184 24.60 -11.72 -4.57
N LYS A 185 23.74 -11.08 -3.79
CA LYS A 185 22.61 -11.74 -3.13
C LYS A 185 21.37 -11.81 -4.03
N ASP A 186 21.14 -10.73 -4.79
CA ASP A 186 20.01 -10.66 -5.71
C ASP A 186 20.32 -11.35 -7.03
N GLY A 187 21.13 -10.69 -7.85
CA GLY A 187 21.37 -11.09 -9.24
C GLY A 187 20.70 -10.09 -10.16
N LYS A 188 20.22 -9.00 -9.58
CA LYS A 188 19.47 -7.99 -10.31
C LYS A 188 20.40 -6.86 -10.77
N ALA A 189 20.71 -6.88 -12.06
CA ALA A 189 21.73 -6.04 -12.65
C ALA A 189 21.33 -4.58 -12.86
N ILE A 190 20.04 -4.31 -13.07
CA ILE A 190 19.55 -2.93 -13.26
C ILE A 190 19.94 -1.96 -12.16
N ASN A 191 19.93 -2.45 -10.91
CA ASN A 191 20.34 -1.66 -9.76
C ASN A 191 21.76 -1.19 -9.93
N VAL A 192 22.63 -2.11 -10.34
CA VAL A 192 24.04 -1.81 -10.59
C VAL A 192 24.14 -0.74 -11.68
N PHE A 193 23.45 -0.97 -12.81
CA PHE A 193 23.48 -0.04 -13.93
C PHE A 193 23.03 1.36 -13.52
N VAL A 194 21.89 1.43 -12.85
CA VAL A 194 21.32 2.69 -12.38
C VAL A 194 22.25 3.40 -11.41
N SER A 195 22.80 2.64 -10.46
CA SER A 195 23.74 3.19 -9.48
C SER A 195 25.00 3.70 -10.16
N ALA A 196 25.49 2.93 -11.13
CA ALA A 196 26.68 3.28 -11.88
C ALA A 196 26.48 4.52 -12.73
N ASN A 197 25.26 4.73 -13.20
CA ASN A 197 24.96 5.92 -13.99
C ASN A 197 24.93 7.16 -13.11
N ARG A 198 24.34 7.04 -11.93
CA ARG A 198 24.34 8.11 -10.93
C ARG A 198 25.76 8.53 -10.60
N LEU A 199 26.65 7.55 -10.42
CA LEU A 199 28.04 7.82 -10.07
C LEU A 199 28.75 8.61 -11.17
N ILE A 200 28.51 8.24 -12.43
CA ILE A 200 29.00 8.98 -13.59
C ILE A 200 28.51 10.43 -13.54
N HIS A 201 27.20 10.62 -13.36
CA HIS A 201 26.63 11.95 -13.22
C HIS A 201 27.35 12.74 -12.12
N GLN A 202 27.72 12.04 -11.04
CA GLN A 202 28.41 12.64 -9.92
C GLN A 202 29.85 13.06 -10.25
N THR A 203 30.59 12.19 -10.94
CA THR A 203 31.95 12.55 -11.36
C THR A 203 31.94 13.69 -12.37
N ASN A 204 30.83 13.82 -13.09
CA ASN A 204 30.61 15.00 -13.93
C ASN A 204 30.40 16.27 -13.10
N LEU A 205 29.68 16.14 -11.99
CA LEU A 205 29.46 17.27 -11.08
C LEU A 205 30.76 17.69 -10.40
N ILE A 206 31.63 16.72 -10.11
CA ILE A 206 32.98 17.00 -9.63
C ILE A 206 33.68 17.88 -10.66
N LEU A 207 33.68 17.45 -11.91
CA LEU A 207 34.30 18.20 -13.00
C LEU A 207 33.67 19.58 -13.18
N GLN A 208 32.34 19.65 -13.09
CA GLN A 208 31.62 20.93 -13.19
C GLN A 208 31.99 21.89 -12.05
N THR A 209 32.01 21.38 -10.82
CA THR A 209 32.34 22.20 -9.65
C THR A 209 33.79 22.68 -9.68
N PHE A 210 34.71 21.75 -9.92
CA PHE A 210 36.14 22.06 -9.98
C PHE A 210 36.54 22.88 -11.22
N LYS A 211 35.57 23.19 -12.07
CA LYS A 211 35.81 24.04 -13.23
C LYS A 211 35.26 25.45 -13.00
N THR A 212 34.23 25.54 -12.17
CA THR A 212 33.55 26.81 -11.89
C THR A 212 34.30 27.68 -10.87
N VAL A 213 34.89 27.04 -9.86
CA VAL A 213 35.65 27.74 -8.82
C VAL A 213 37.04 28.14 -9.35
N ALA A 214 37.61 27.28 -10.19
CA ALA A 214 38.92 27.53 -10.82
C ALA A 214 38.87 28.69 -11.80
N ASN B 12 13.22 15.62 -38.36
CA ASN B 12 11.88 15.11 -37.95
C ASN B 12 11.74 15.00 -36.43
N GLU B 13 10.79 14.18 -35.97
CA GLU B 13 10.48 14.06 -34.54
C GLU B 13 11.48 13.18 -33.75
N ALA B 14 12.17 12.28 -34.44
CA ALA B 14 13.16 11.40 -33.81
C ALA B 14 14.43 12.14 -33.41
N GLU B 15 14.79 13.14 -34.20
CA GLU B 15 15.97 13.96 -33.96
C GLU B 15 15.70 14.97 -32.85
N THR B 16 14.48 15.48 -32.80
CA THR B 16 14.12 16.51 -31.83
C THR B 16 13.80 15.93 -30.45
N THR B 17 13.58 14.62 -30.39
CA THR B 17 13.33 13.92 -29.13
C THR B 17 14.63 13.34 -28.56
N SER B 18 14.87 13.61 -27.28
CA SER B 18 16.04 13.09 -26.57
C SER B 18 15.92 11.60 -26.32
N MET B 19 17.07 10.92 -26.31
CA MET B 19 17.15 9.48 -26.10
C MET B 19 16.57 9.02 -24.75
N VAL B 20 16.69 9.86 -23.73
CA VAL B 20 16.14 9.55 -22.40
C VAL B 20 14.63 9.37 -22.41
N SER B 21 13.96 9.86 -23.47
CA SER B 21 12.51 9.81 -23.58
C SER B 21 11.97 8.52 -24.19
N MET B 22 12.87 7.66 -24.65
CA MET B 22 12.49 6.41 -25.33
C MET B 22 11.52 5.50 -24.57
N PRO B 23 11.66 5.38 -23.23
CA PRO B 23 10.72 4.63 -22.40
C PRO B 23 9.25 4.98 -22.63
N LEU B 24 8.96 6.24 -22.91
CA LEU B 24 7.60 6.68 -23.24
C LEU B 24 7.02 5.89 -24.42
N TYR B 25 7.86 5.61 -25.41
CA TYR B 25 7.43 4.94 -26.64
C TYR B 25 7.64 3.42 -26.61
N ALA B 26 8.60 2.97 -25.80
CA ALA B 26 8.89 1.54 -25.72
C ALA B 26 8.04 0.83 -24.66
N VAL B 27 7.66 1.56 -23.62
CA VAL B 27 6.94 0.98 -22.50
C VAL B 27 5.53 1.53 -22.34
N MET B 28 5.38 2.85 -22.24
CA MET B 28 4.08 3.46 -21.92
C MET B 28 3.08 3.42 -23.07
N TYR B 29 3.53 3.79 -24.27
CA TYR B 29 2.68 3.74 -25.46
C TYR B 29 2.02 2.38 -25.72
N PRO B 30 2.80 1.26 -25.68
CA PRO B 30 2.16 -0.05 -25.88
C PRO B 30 1.14 -0.38 -24.81
N VAL B 31 1.41 0.06 -23.57
CA VAL B 31 0.45 -0.07 -22.47
C VAL B 31 -0.82 0.70 -22.80
N PHE B 32 -0.67 1.99 -23.11
CA PHE B 32 -1.81 2.84 -23.50
C PHE B 32 -2.57 2.32 -24.72
N ASN B 33 -1.85 1.75 -25.68
CA ASN B 33 -2.49 1.19 -26.88
C ASN B 33 -3.39 0.01 -26.56
N GLU B 34 -2.96 -0.86 -25.66
CA GLU B 34 -3.77 -2.01 -25.24
C GLU B 34 -4.97 -1.57 -24.41
N LEU B 35 -4.76 -0.57 -23.55
CA LEU B 35 -5.84 0.05 -22.78
C LEU B 35 -6.90 0.68 -23.69
N GLU B 36 -6.45 1.25 -24.80
CA GLU B 36 -7.33 1.98 -25.73
C GLU B 36 -8.44 1.13 -26.32
N ARG B 37 -8.22 -0.19 -26.36
CA ARG B 37 -9.23 -1.13 -26.84
C ARG B 37 -10.34 -1.31 -25.81
N VAL B 38 -9.99 -1.15 -24.54
CA VAL B 38 -10.94 -1.34 -23.44
C VAL B 38 -11.58 -0.01 -23.03
N ASN B 39 -10.75 0.98 -22.74
CA ASN B 39 -11.22 2.29 -22.30
C ASN B 39 -10.57 3.40 -23.10
N LEU B 40 -11.35 4.05 -23.95
CA LEU B 40 -10.86 5.03 -24.91
C LEU B 40 -10.33 6.30 -24.22
N SER B 41 -11.14 6.86 -23.31
CA SER B 41 -10.79 8.10 -22.62
C SER B 41 -9.66 7.95 -21.59
N ALA B 42 -9.67 6.86 -20.85
CA ALA B 42 -8.63 6.61 -19.83
C ALA B 42 -7.23 6.59 -20.44
N ALA B 43 -7.07 5.93 -21.58
CA ALA B 43 -5.79 5.90 -22.28
C ALA B 43 -5.42 7.28 -22.82
N GLN B 44 -6.40 7.98 -23.38
CA GLN B 44 -6.18 9.33 -23.90
C GLN B 44 -5.71 10.30 -22.82
N THR B 45 -6.42 10.32 -21.69
CA THR B 45 -6.06 11.19 -20.57
C THR B 45 -4.66 10.87 -20.05
N LEU B 46 -4.40 9.59 -19.80
CA LEU B 46 -3.10 9.15 -19.27
C LEU B 46 -1.95 9.37 -20.25
N ARG B 47 -2.17 9.06 -21.52
CA ARG B 47 -1.16 9.28 -22.56
C ARG B 47 -0.79 10.76 -22.66
N ALA B 48 -1.81 11.63 -22.66
CA ALA B 48 -1.62 13.06 -22.78
C ALA B 48 -0.83 13.64 -21.60
N ALA B 49 -1.14 13.12 -20.40
CA ALA B 49 -0.42 13.50 -19.18
C ALA B 49 1.05 13.12 -19.26
N PHE B 50 1.33 11.89 -19.70
CA PHE B 50 2.71 11.43 -19.87
C PHE B 50 3.44 12.21 -20.97
N ILE B 51 2.77 12.42 -22.10
CA ILE B 51 3.33 13.22 -23.19
C ILE B 51 3.77 14.58 -22.67
N LYS B 52 2.86 15.28 -21.99
CA LYS B 52 3.11 16.61 -21.47
C LYS B 52 4.26 16.60 -20.47
N ALA B 53 4.22 15.63 -19.55
CA ALA B 53 5.22 15.49 -18.51
C ALA B 53 6.62 15.24 -19.08
N GLU B 54 6.70 14.41 -20.12
CA GLU B 54 7.96 14.09 -20.77
C GLU B 54 8.55 15.28 -21.54
N LYS B 55 7.68 16.00 -22.23
CA LYS B 55 8.06 17.20 -22.99
C LYS B 55 8.71 18.23 -22.07
N GLU B 56 8.11 18.46 -20.91
CA GLU B 56 8.59 19.47 -19.97
C GLU B 56 9.78 19.00 -19.14
N ASN B 57 9.86 17.70 -18.89
CA ASN B 57 10.99 17.11 -18.16
C ASN B 57 11.41 15.78 -18.78
N PRO B 58 12.36 15.82 -19.75
CA PRO B 58 12.79 14.59 -20.43
C PRO B 58 13.54 13.65 -19.47
N GLY B 59 13.10 12.39 -19.43
CA GLY B 59 13.68 11.39 -18.52
C GLY B 59 12.75 11.02 -17.37
N LEU B 60 11.64 11.76 -17.26
CA LEU B 60 10.67 11.57 -16.19
C LEU B 60 9.97 10.21 -16.26
N THR B 61 9.61 9.78 -17.46
CA THR B 61 9.00 8.48 -17.68
C THR B 61 9.94 7.37 -17.21
N GLN B 62 11.19 7.47 -17.64
CA GLN B 62 12.24 6.51 -17.26
C GLN B 62 12.39 6.43 -15.74
N ASP B 63 12.37 7.57 -15.07
CA ASP B 63 12.45 7.63 -13.62
C ASP B 63 11.22 7.01 -12.95
N ILE B 64 10.05 7.23 -13.55
CA ILE B 64 8.81 6.63 -13.07
C ILE B 64 8.92 5.11 -13.12
N ILE B 65 9.34 4.59 -14.28
CA ILE B 65 9.47 3.15 -14.50
C ILE B 65 10.50 2.54 -13.56
N MET B 66 11.63 3.22 -13.38
CA MET B 66 12.69 2.72 -12.50
C MET B 66 12.21 2.62 -11.05
N LYS B 67 11.44 3.62 -10.63
CA LYS B 67 10.89 3.65 -9.29
C LYS B 67 9.83 2.57 -9.10
N ILE B 68 9.11 2.26 -10.17
CA ILE B 68 8.17 1.13 -10.17
C ILE B 68 8.92 -0.20 -10.01
N LEU B 69 9.94 -0.44 -10.83
CA LEU B 69 10.73 -1.68 -10.73
C LEU B 69 11.36 -1.84 -9.35
N GLU B 70 11.77 -0.72 -8.75
CA GLU B 70 12.33 -0.72 -7.40
C GLU B 70 11.38 -1.31 -6.37
N LYS B 71 10.08 -1.09 -6.59
CA LYS B 71 9.06 -1.47 -5.63
C LYS B 71 8.36 -2.78 -5.99
N LYS B 72 9.01 -3.58 -6.83
CA LYS B 72 8.53 -4.89 -7.27
C LYS B 72 8.13 -5.80 -6.12
N SER B 73 8.84 -5.73 -5.00
CA SER B 73 8.56 -6.60 -3.85
C SER B 73 7.15 -6.38 -3.29
N VAL B 74 6.77 -5.11 -3.14
CA VAL B 74 5.39 -4.73 -2.80
C VAL B 74 4.41 -5.48 -3.69
N GLU B 75 4.71 -5.46 -4.99
CA GLU B 75 3.88 -6.10 -6.01
C GLU B 75 3.93 -7.63 -5.93
N VAL B 76 5.09 -8.19 -5.56
CA VAL B 76 5.17 -9.63 -5.31
C VAL B 76 4.26 -9.98 -4.13
N ASN B 77 4.36 -9.19 -3.06
CA ASN B 77 3.53 -9.37 -1.86
C ASN B 77 2.04 -9.21 -2.16
N PHE B 78 1.72 -8.28 -3.06
CA PHE B 78 0.32 -7.98 -3.34
C PHE B 78 -0.41 -9.08 -4.10
N THR B 79 0.20 -9.54 -5.19
CA THR B 79 -0.40 -10.59 -6.01
C THR B 79 -0.46 -11.90 -5.24
N GLU B 80 0.58 -12.18 -4.46
CA GLU B 80 0.57 -13.36 -3.61
C GLU B 80 -0.60 -13.34 -2.61
N SER B 81 -0.77 -12.21 -1.93
CA SER B 81 -1.90 -11.97 -1.03
C SER B 81 -3.23 -12.30 -1.66
N LEU B 82 -3.48 -11.70 -2.82
CA LEU B 82 -4.74 -11.88 -3.53
C LEU B 82 -4.96 -13.34 -3.89
N LEU B 83 -3.88 -14.06 -4.18
CA LEU B 83 -3.97 -15.50 -4.42
C LEU B 83 -4.28 -16.27 -3.14
N ARG B 84 -3.54 -15.98 -2.07
CA ARG B 84 -3.78 -16.63 -0.78
C ARG B 84 -5.20 -16.41 -0.29
N MET B 85 -5.71 -15.19 -0.45
CA MET B 85 -7.03 -14.80 0.06
C MET B 85 -8.19 -15.38 -0.73
N ALA B 86 -7.89 -15.91 -1.91
CA ALA B 86 -8.93 -16.47 -2.79
C ALA B 86 -9.59 -17.70 -2.17
N ALA B 87 -8.90 -18.30 -1.19
CA ALA B 87 -9.42 -19.46 -0.46
C ALA B 87 -10.75 -19.15 0.24
N ASP B 88 -10.91 -17.91 0.71
CA ASP B 88 -12.16 -17.42 1.27
C ASP B 88 -13.30 -17.44 0.25
N ASP B 89 -12.96 -17.16 -1.00
CA ASP B 89 -13.93 -16.98 -2.07
C ASP B 89 -14.06 -18.24 -2.95
N VAL B 90 -13.86 -19.40 -2.32
CA VAL B 90 -13.83 -20.69 -3.02
C VAL B 90 -15.22 -21.20 -3.40
N GLU B 91 -16.19 -20.96 -2.53
CA GLU B 91 -17.58 -21.33 -2.81
C GLU B 91 -18.37 -20.18 -3.43
N GLU B 92 -17.66 -19.09 -3.76
CA GLU B 92 -18.28 -17.92 -4.40
C GLU B 92 -18.75 -18.26 -5.81
N TYR B 93 -19.98 -17.88 -6.12
CA TYR B 93 -20.61 -18.08 -7.43
C TYR B 93 -21.14 -19.49 -7.68
N MET B 94 -21.54 -20.19 -6.62
CA MET B 94 -22.18 -21.50 -6.76
C MET B 94 -23.54 -21.33 -7.44
N ILE B 95 -23.77 -22.15 -8.47
CA ILE B 95 -25.02 -22.09 -9.21
C ILE B 95 -26.13 -22.76 -8.41
N GLU B 96 -27.20 -22.01 -8.17
CA GLU B 96 -28.31 -22.48 -7.34
C GLU B 96 -29.31 -23.27 -8.19
N ARG B 97 -28.89 -24.47 -8.59
CA ARG B 97 -29.69 -25.35 -9.43
C ARG B 97 -29.56 -26.81 -8.98
N PRO B 98 -30.70 -27.51 -8.82
CA PRO B 98 -30.71 -28.89 -8.35
C PRO B 98 -30.60 -29.91 -9.49
N GLU B 99 -29.43 -29.97 -10.12
CA GLU B 99 -29.16 -30.93 -11.20
C GLU B 99 -27.70 -31.41 -11.19
N PRO B 100 -27.48 -32.73 -11.37
CA PRO B 100 -26.18 -33.39 -11.25
C PRO B 100 -25.04 -32.75 -12.05
N GLU B 101 -25.32 -32.30 -13.27
CA GLU B 101 -24.32 -31.66 -14.12
C GLU B 101 -23.85 -30.33 -13.54
N PHE B 102 -24.80 -29.58 -12.97
CA PHE B 102 -24.51 -28.31 -12.32
C PHE B 102 -23.87 -28.49 -10.95
N GLN B 103 -24.20 -29.58 -10.27
CA GLN B 103 -23.57 -29.94 -9.00
C GLN B 103 -22.09 -30.28 -9.24
N ASP B 104 -21.84 -30.94 -10.37
CA ASP B 104 -20.51 -31.32 -10.80
C ASP B 104 -19.69 -30.09 -11.16
N LEU B 105 -20.31 -29.17 -11.91
CA LEU B 105 -19.65 -27.94 -12.35
C LEU B 105 -19.19 -27.06 -11.18
N ASN B 106 -20.03 -26.96 -10.16
CA ASN B 106 -19.69 -26.24 -8.93
C ASN B 106 -18.50 -26.87 -8.22
N GLU B 107 -18.56 -28.19 -8.01
CA GLU B 107 -17.54 -28.95 -7.30
C GLU B 107 -16.16 -28.88 -7.96
N LYS B 108 -16.12 -29.09 -9.27
CA LYS B 108 -14.85 -29.07 -10.01
C LYS B 108 -14.23 -27.67 -10.05
N ALA B 109 -15.09 -26.64 -10.08
CA ALA B 109 -14.63 -25.25 -10.02
C ALA B 109 -14.14 -24.88 -8.63
N ARG B 110 -14.85 -25.39 -7.62
CA ARG B 110 -14.47 -25.22 -6.21
C ARG B 110 -13.07 -25.78 -5.95
N ALA B 111 -12.84 -27.00 -6.41
CA ALA B 111 -11.57 -27.69 -6.21
C ALA B 111 -10.40 -26.97 -6.89
N LEU B 112 -10.61 -26.43 -8.08
CA LEU B 112 -9.55 -25.73 -8.81
C LEU B 112 -9.17 -24.40 -8.14
N LYS B 113 -10.17 -23.62 -7.72
CA LYS B 113 -9.92 -22.37 -7.02
C LYS B 113 -9.21 -22.61 -5.69
N GLN B 114 -9.56 -23.69 -5.02
CA GLN B 114 -8.92 -24.08 -3.76
C GLN B 114 -7.46 -24.48 -3.97
N ILE B 115 -7.21 -25.27 -5.02
CA ILE B 115 -5.87 -25.75 -5.32
C ILE B 115 -4.94 -24.62 -5.76
N LEU B 116 -5.47 -23.65 -6.51
CA LEU B 116 -4.69 -22.51 -6.97
C LEU B 116 -4.31 -21.58 -5.80
N SER B 117 -5.19 -21.47 -4.82
CA SER B 117 -4.92 -20.64 -3.63
C SER B 117 -3.91 -21.28 -2.67
N LYS B 118 -3.47 -22.49 -3.00
CA LYS B 118 -2.48 -23.21 -2.21
C LYS B 118 -1.07 -23.04 -2.79
N ILE B 119 -1.00 -22.53 -4.02
CA ILE B 119 0.27 -22.34 -4.73
C ILE B 119 1.37 -21.62 -3.94
N PRO B 120 1.05 -20.48 -3.29
CA PRO B 120 2.12 -19.79 -2.54
C PRO B 120 2.76 -20.63 -1.44
N ASP B 121 2.09 -21.71 -1.02
CA ASP B 121 2.62 -22.60 0.01
C ASP B 121 3.55 -23.66 -0.57
N GLU B 122 3.20 -24.16 -1.75
CA GLU B 122 3.92 -25.26 -2.39
C GLU B 122 5.04 -24.77 -3.32
N ILE B 123 5.09 -23.46 -3.56
CA ILE B 123 5.99 -22.88 -4.58
C ILE B 123 7.49 -22.96 -4.24
N ASN B 124 7.82 -22.78 -2.96
CA ASN B 124 9.22 -22.67 -2.53
C ASN B 124 10.04 -23.93 -2.80
N ASP B 125 9.57 -25.07 -2.27
CA ASP B 125 10.17 -26.36 -2.59
C ASP B 125 9.66 -26.82 -3.94
N ARG B 126 10.55 -26.77 -4.93
CA ARG B 126 10.22 -27.13 -6.31
C ARG B 126 9.90 -28.63 -6.47
N VAL B 127 10.44 -29.45 -5.57
CA VAL B 127 10.14 -30.89 -5.52
C VAL B 127 8.65 -31.13 -5.25
N ARG B 128 8.12 -30.49 -4.21
CA ARG B 128 6.71 -30.60 -3.85
C ARG B 128 5.82 -29.82 -4.82
N PHE B 129 6.38 -28.77 -5.40
CA PHE B 129 5.68 -27.95 -6.39
C PHE B 129 5.38 -28.74 -7.67
N LEU B 130 6.31 -29.62 -8.03
CA LEU B 130 6.14 -30.50 -9.19
C LEU B 130 4.92 -31.40 -9.02
N GLN B 131 4.77 -31.96 -7.82
CA GLN B 131 3.62 -32.81 -7.51
C GLN B 131 2.37 -32.01 -7.20
N THR B 132 2.47 -30.69 -7.35
CA THR B 132 1.31 -29.80 -7.27
C THR B 132 0.84 -29.43 -8.68
N ILE B 133 1.79 -29.29 -9.61
CA ILE B 133 1.50 -29.08 -11.02
C ILE B 133 0.57 -30.16 -11.57
N LYS B 134 0.82 -31.41 -11.19
CA LYS B 134 -0.01 -32.54 -11.59
C LYS B 134 -1.46 -32.38 -11.14
N ASP B 135 -1.65 -32.03 -9.87
CA ASP B 135 -2.98 -31.85 -9.27
C ASP B 135 -3.77 -30.72 -9.92
N ILE B 136 -3.09 -29.62 -10.23
CA ILE B 136 -3.72 -28.45 -10.87
C ILE B 136 -4.19 -28.81 -12.28
N ALA B 137 -3.28 -29.39 -13.06
CA ALA B 137 -3.58 -29.86 -14.42
C ALA B 137 -4.75 -30.84 -14.43
N SER B 138 -4.73 -31.76 -13.46
CA SER B 138 -5.80 -32.73 -13.26
C SER B 138 -7.14 -32.05 -12.95
N ALA B 139 -7.09 -30.93 -12.24
CA ALA B 139 -8.28 -30.16 -11.88
C ALA B 139 -8.84 -29.36 -13.06
N ILE B 140 -7.95 -28.75 -13.84
CA ILE B 140 -8.33 -28.03 -15.06
C ILE B 140 -9.01 -28.99 -16.04
N LYS B 141 -8.36 -30.13 -16.27
CA LYS B 141 -8.88 -31.17 -17.17
C LYS B 141 -10.27 -31.62 -16.75
N GLU B 142 -10.45 -31.84 -15.44
CA GLU B 142 -11.72 -32.31 -14.89
C GLU B 142 -12.79 -31.23 -14.88
N LEU B 143 -12.38 -29.97 -14.83
CA LEU B 143 -13.32 -28.86 -14.96
C LEU B 143 -13.80 -28.73 -16.40
N LEU B 144 -12.86 -28.77 -17.33
CA LEU B 144 -13.18 -28.77 -18.78
C LEU B 144 -14.14 -29.90 -19.16
N ASP B 145 -13.90 -31.09 -18.62
CA ASP B 145 -14.76 -32.26 -18.86
C ASP B 145 -16.19 -32.04 -18.37
N THR B 146 -16.34 -31.16 -17.38
CA THR B 146 -17.64 -30.84 -16.82
C THR B 146 -18.26 -29.62 -17.52
N VAL B 147 -17.41 -28.73 -18.02
CA VAL B 147 -17.85 -27.57 -18.81
C VAL B 147 -18.62 -28.01 -20.06
N ASN B 148 -18.06 -28.99 -20.77
CA ASN B 148 -18.67 -29.51 -21.99
C ASN B 148 -19.88 -30.41 -21.72
N ASN B 149 -19.94 -30.97 -20.52
CA ASN B 149 -21.08 -31.76 -20.07
C ASN B 149 -22.35 -30.91 -19.98
N VAL B 150 -22.20 -29.70 -19.42
CA VAL B 150 -23.33 -28.79 -19.22
C VAL B 150 -23.74 -28.11 -20.53
N PHE B 151 -22.76 -27.72 -21.34
CA PHE B 151 -22.98 -27.00 -22.60
C PHE B 151 -23.95 -27.73 -23.55
N LYS B 152 -23.80 -29.05 -23.66
CA LYS B 152 -24.57 -29.83 -24.62
C LYS B 152 -25.97 -30.21 -24.11
N LYS B 153 -26.22 -29.95 -22.82
CA LYS B 153 -27.53 -30.21 -22.23
C LYS B 153 -28.25 -28.92 -21.86
N TYR B 154 -27.51 -27.81 -21.81
CA TYR B 154 -28.07 -26.51 -21.46
C TYR B 154 -27.51 -25.41 -22.36
N ARG B 159 -24.45 -19.65 -27.82
CA ARG B 159 -23.08 -19.78 -28.32
C ARG B 159 -22.37 -18.44 -28.36
N ARG B 160 -23.13 -17.38 -28.66
CA ARG B 160 -22.60 -16.00 -28.76
C ARG B 160 -21.68 -15.60 -27.61
N ALA B 161 -22.15 -15.80 -26.38
CA ALA B 161 -21.35 -15.54 -25.18
C ALA B 161 -21.16 -16.82 -24.38
N LEU B 162 -21.89 -17.86 -24.77
CA LEU B 162 -21.88 -19.15 -24.06
C LEU B 162 -20.57 -19.92 -24.23
N GLU B 163 -20.08 -20.03 -25.47
CA GLU B 163 -18.83 -20.73 -25.75
C GLU B 163 -17.63 -19.80 -25.63
N HIS B 164 -17.87 -18.49 -25.73
CA HIS B 164 -16.84 -17.47 -25.62
C HIS B 164 -16.01 -17.60 -24.33
N GLN B 165 -16.68 -17.93 -23.23
CA GLN B 165 -16.02 -18.10 -21.93
C GLN B 165 -15.14 -19.33 -21.89
N LYS B 166 -15.64 -20.42 -22.48
CA LYS B 166 -14.90 -21.68 -22.58
C LYS B 166 -13.61 -21.49 -23.35
N LYS B 167 -13.70 -20.75 -24.46
CA LYS B 167 -12.55 -20.39 -25.28
C LYS B 167 -11.50 -19.66 -24.45
N GLU B 168 -11.97 -18.67 -23.68
CA GLU B 168 -11.10 -17.87 -22.82
C GLU B 168 -10.41 -18.70 -21.75
N PHE B 169 -11.15 -19.64 -21.17
CA PHE B 169 -10.60 -20.54 -20.14
C PHE B 169 -9.40 -21.32 -20.66
N VAL B 170 -9.53 -21.90 -21.86
CA VAL B 170 -8.46 -22.68 -22.49
C VAL B 170 -7.22 -21.83 -22.71
N LYS B 171 -7.41 -20.62 -23.23
CA LYS B 171 -6.32 -19.68 -23.51
C LYS B 171 -5.54 -19.35 -22.25
N TYR B 172 -6.25 -19.06 -21.16
CA TYR B 172 -5.61 -18.67 -19.91
C TYR B 172 -5.03 -19.84 -19.13
N SER B 173 -5.57 -21.04 -19.35
CA SER B 173 -5.05 -22.26 -18.68
C SER B 173 -3.71 -22.70 -19.25
N LYS B 174 -3.56 -22.59 -20.58
CA LYS B 174 -2.29 -22.90 -21.23
C LYS B 174 -1.27 -21.79 -20.99
N SER B 175 -1.78 -20.56 -20.90
CA SER B 175 -0.96 -19.41 -20.51
C SER B 175 -0.42 -19.60 -19.11
N PHE B 176 -1.23 -20.21 -18.24
CA PHE B 176 -0.80 -20.59 -16.90
C PHE B 176 0.29 -21.66 -16.93
N SER B 177 0.14 -22.63 -17.84
CA SER B 177 1.11 -23.71 -18.01
C SER B 177 2.45 -23.20 -18.53
N ASP B 178 2.40 -22.33 -19.53
CA ASP B 178 3.59 -21.72 -20.11
C ASP B 178 4.32 -20.83 -19.10
N THR B 179 3.57 -20.39 -18.08
CA THR B 179 4.12 -19.60 -16.99
C THR B 179 4.98 -20.46 -16.06
N LEU B 180 4.57 -21.71 -15.86
CA LEU B 180 5.34 -22.65 -15.04
C LEU B 180 6.73 -22.92 -15.61
N LYS B 181 6.80 -23.19 -16.92
CA LYS B 181 8.07 -23.45 -17.59
C LYS B 181 9.04 -22.27 -17.50
N THR B 182 8.49 -21.06 -17.52
CA THR B 182 9.29 -19.85 -17.36
C THR B 182 9.75 -19.68 -15.91
N TYR B 183 8.95 -20.18 -14.97
CA TYR B 183 9.29 -20.13 -13.54
C TYR B 183 10.51 -21.00 -13.20
N PHE B 184 10.55 -22.21 -13.74
CA PHE B 184 11.67 -23.13 -13.51
C PHE B 184 12.95 -22.64 -14.20
N LYS B 185 12.87 -21.45 -14.80
CA LYS B 185 13.99 -20.82 -15.49
C LYS B 185 14.30 -19.45 -14.90
N ASP B 186 13.30 -18.85 -14.25
CA ASP B 186 13.44 -17.53 -13.62
C ASP B 186 13.51 -17.61 -12.10
N GLY B 187 12.54 -18.32 -11.52
CA GLY B 187 12.34 -18.32 -10.08
C GLY B 187 11.48 -17.14 -9.65
N LYS B 188 10.77 -16.53 -10.62
CA LYS B 188 9.96 -15.35 -10.35
C LYS B 188 8.48 -15.72 -10.20
N ALA B 189 8.13 -16.11 -8.98
CA ALA B 189 6.81 -16.63 -8.64
C ALA B 189 5.66 -15.65 -8.91
N ILE B 190 5.99 -14.36 -9.07
CA ILE B 190 4.98 -13.33 -9.34
C ILE B 190 4.17 -13.63 -10.60
N ASN B 191 4.86 -14.04 -11.67
CA ASN B 191 4.19 -14.40 -12.92
C ASN B 191 3.18 -15.53 -12.72
N VAL B 192 3.53 -16.47 -11.85
CA VAL B 192 2.68 -17.61 -11.52
C VAL B 192 1.49 -17.14 -10.68
N PHE B 193 1.74 -16.26 -9.72
CA PHE B 193 0.68 -15.71 -8.89
C PHE B 193 -0.33 -14.98 -9.76
N VAL B 194 0.18 -14.14 -10.65
CA VAL B 194 -0.66 -13.32 -11.54
C VAL B 194 -1.58 -14.17 -12.40
N SER B 195 -1.02 -15.17 -13.08
CA SER B 195 -1.80 -16.04 -13.97
C SER B 195 -2.78 -16.91 -13.19
N ALA B 196 -2.34 -17.52 -12.10
CA ALA B 196 -3.23 -18.27 -11.22
C ALA B 196 -4.47 -17.44 -10.86
N ASN B 197 -4.26 -16.17 -10.51
CA ASN B 197 -5.36 -15.27 -10.21
C ASN B 197 -6.29 -15.04 -11.39
N ARG B 198 -5.71 -14.91 -12.59
CA ARG B 198 -6.50 -14.72 -13.80
C ARG B 198 -7.38 -15.95 -14.08
N LEU B 199 -6.82 -17.13 -13.84
CA LEU B 199 -7.54 -18.39 -14.00
C LEU B 199 -8.68 -18.56 -12.98
N ILE B 200 -8.46 -18.07 -11.76
CA ILE B 200 -9.50 -18.05 -10.73
C ILE B 200 -10.65 -17.12 -11.16
N HIS B 201 -10.30 -15.97 -11.72
CA HIS B 201 -11.31 -15.04 -12.24
C HIS B 201 -12.01 -15.66 -13.45
N GLN B 202 -11.27 -16.34 -14.30
CA GLN B 202 -11.81 -16.99 -15.48
C GLN B 202 -12.77 -18.12 -15.12
N THR B 203 -12.43 -18.84 -14.05
CA THR B 203 -13.29 -19.87 -13.48
C THR B 203 -14.61 -19.26 -12.99
N ASN B 204 -14.53 -18.08 -12.38
CA ASN B 204 -15.71 -17.37 -11.90
C ASN B 204 -16.64 -16.83 -12.99
N LEU B 205 -16.07 -16.38 -14.10
CA LEU B 205 -16.87 -15.91 -15.24
C LEU B 205 -17.71 -17.02 -15.86
N ILE B 206 -17.19 -18.25 -15.82
CA ILE B 206 -17.89 -19.44 -16.27
C ILE B 206 -19.15 -19.68 -15.43
N LEU B 207 -18.99 -19.69 -14.11
CA LEU B 207 -20.09 -19.89 -13.16
C LEU B 207 -21.17 -18.81 -13.24
N GLN B 208 -20.76 -17.59 -13.63
CA GLN B 208 -21.68 -16.47 -13.77
C GLN B 208 -22.51 -16.53 -15.05
N THR B 209 -21.97 -17.21 -16.06
CA THR B 209 -22.65 -17.40 -17.34
C THR B 209 -23.87 -18.32 -17.18
N PHE B 210 -23.69 -19.38 -16.39
CA PHE B 210 -24.76 -20.36 -16.15
C PHE B 210 -25.73 -19.92 -15.06
N LYS B 211 -25.40 -18.82 -14.37
CA LYS B 211 -26.31 -18.20 -13.39
C LYS B 211 -27.53 -17.61 -14.10
N THR B 212 -27.30 -16.97 -15.23
CA THR B 212 -28.37 -16.44 -16.08
C THR B 212 -28.92 -17.54 -16.99
N GLY C 1 -3.40 23.71 -1.16
CA GLY C 1 -3.15 23.05 -2.48
C GLY C 1 -2.73 21.60 -2.33
N HIS C 2 -1.41 21.38 -2.31
CA HIS C 2 -0.86 20.02 -2.23
C HIS C 2 0.32 19.93 -1.27
N MET C 3 0.43 18.79 -0.60
CA MET C 3 1.50 18.52 0.36
C MET C 3 2.87 18.43 -0.30
N ARG C 4 3.86 18.99 0.38
CA ARG C 4 5.25 18.88 -0.06
C ARG C 4 5.95 17.83 0.79
N MET C 5 6.89 17.11 0.19
CA MET C 5 7.65 16.10 0.91
C MET C 5 9.14 16.49 1.00
N THR C 6 9.72 16.29 2.18
CA THR C 6 11.13 16.59 2.42
C THR C 6 12.02 15.44 1.96
N MET C 7 13.33 15.70 1.83
CA MET C 7 14.31 14.68 1.49
C MET C 7 14.24 13.50 2.45
N GLU C 8 14.17 13.80 3.76
CA GLU C 8 14.06 12.79 4.81
C GLU C 8 12.76 11.97 4.69
N GLU C 9 11.64 12.66 4.49
CA GLU C 9 10.36 12.01 4.22
C GLU C 9 10.45 11.09 3.00
N MET C 10 11.06 11.60 1.93
CA MET C 10 11.26 10.85 0.68
C MET C 10 12.10 9.59 0.90
N LYS C 11 13.18 9.73 1.66
CA LYS C 11 14.08 8.62 1.97
C LYS C 11 13.35 7.53 2.75
N ASN C 12 12.71 7.94 3.85
CA ASN C 12 11.97 7.03 4.71
C ASN C 12 10.91 6.23 3.94
N GLU C 13 10.04 6.94 3.23
CA GLU C 13 8.96 6.33 2.45
C GLU C 13 9.48 5.24 1.50
N ALA C 14 10.58 5.52 0.82
CA ALA C 14 11.22 4.56 -0.09
C ALA C 14 11.77 3.34 0.65
N GLU C 15 12.09 3.51 1.93
CA GLU C 15 12.63 2.41 2.73
C GLU C 15 11.56 1.66 3.55
N THR C 16 10.28 2.00 3.34
CA THR C 16 9.19 1.31 4.02
C THR C 16 8.19 0.72 3.01
N THR C 17 8.40 -0.56 2.68
CA THR C 17 7.65 -1.21 1.61
C THR C 17 7.19 -2.62 1.99
N SER C 18 7.48 -3.04 3.23
CA SER C 18 7.09 -4.38 3.68
C SER C 18 5.59 -4.41 3.90
N MET C 19 4.99 -5.60 3.74
CA MET C 19 3.54 -5.72 3.77
C MET C 19 2.88 -5.15 5.03
N VAL C 20 3.51 -5.33 6.18
CA VAL C 20 2.97 -4.81 7.43
C VAL C 20 2.79 -3.27 7.42
N SER C 21 3.47 -2.59 6.50
CA SER C 21 3.38 -1.12 6.40
C SER C 21 2.35 -0.62 5.38
N MET C 22 1.68 -1.54 4.70
CA MET C 22 0.75 -1.16 3.65
C MET C 22 -0.47 -0.34 4.12
N PRO C 23 -0.93 -0.54 5.38
CA PRO C 23 -2.04 0.29 5.86
C PRO C 23 -1.75 1.80 5.84
N LEU C 24 -0.48 2.14 6.05
CA LEU C 24 -0.01 3.52 5.89
C LEU C 24 -0.39 4.07 4.52
N TYR C 25 -0.27 3.23 3.49
CA TYR C 25 -0.58 3.65 2.12
C TYR C 25 -2.06 3.48 1.76
N ALA C 26 -2.64 2.33 2.11
CA ALA C 26 -4.01 1.99 1.74
C ALA C 26 -5.08 2.74 2.53
N VAL C 27 -4.76 3.10 3.77
CA VAL C 27 -5.72 3.75 4.66
C VAL C 27 -5.35 5.22 4.94
N MET C 28 -4.11 5.46 5.35
CA MET C 28 -3.71 6.81 5.77
C MET C 28 -3.46 7.79 4.63
N TYR C 29 -2.86 7.33 3.54
CA TYR C 29 -2.61 8.20 2.37
C TYR C 29 -3.88 8.75 1.72
N PRO C 30 -4.91 7.91 1.50
CA PRO C 30 -6.18 8.45 0.98
C PRO C 30 -6.83 9.46 1.93
N VAL C 31 -6.66 9.25 3.24
CA VAL C 31 -7.17 10.19 4.25
C VAL C 31 -6.42 11.52 4.14
N PHE C 32 -5.09 11.46 4.09
CA PHE C 32 -4.29 12.67 3.94
C PHE C 32 -4.64 13.43 2.66
N ASN C 33 -4.95 12.69 1.61
CA ASN C 33 -5.31 13.26 0.32
C ASN C 33 -6.61 14.05 0.36
N GLU C 34 -7.59 13.54 1.11
CA GLU C 34 -8.87 14.21 1.28
C GLU C 34 -8.76 15.35 2.28
N LEU C 35 -7.87 15.18 3.26
CA LEU C 35 -7.56 16.20 4.25
C LEU C 35 -6.82 17.36 3.60
N GLU C 36 -6.02 17.04 2.59
CA GLU C 36 -5.18 17.98 1.84
C GLU C 36 -5.94 19.19 1.28
N ARG C 37 -7.12 18.93 0.71
CA ARG C 37 -7.92 19.96 0.05
C ARG C 37 -8.45 21.02 1.01
N VAL C 38 -8.84 20.59 2.21
CA VAL C 38 -9.45 21.47 3.21
C VAL C 38 -8.42 22.02 4.20
N ASN C 39 -7.61 21.13 4.77
CA ASN C 39 -6.58 21.51 5.74
C ASN C 39 -5.20 21.06 5.31
N LEU C 40 -4.45 21.97 4.67
CA LEU C 40 -3.16 21.66 4.06
C LEU C 40 -2.04 21.45 5.08
N SER C 41 -2.02 22.25 6.14
CA SER C 41 -0.95 22.17 7.13
C SER C 41 -1.08 20.91 7.98
N ALA C 42 -2.29 20.60 8.42
CA ALA C 42 -2.54 19.40 9.22
C ALA C 42 -2.18 18.15 8.46
N ALA C 43 -2.71 18.03 7.24
CA ALA C 43 -2.42 16.87 6.38
C ALA C 43 -0.93 16.69 6.21
N GLN C 44 -0.23 17.79 5.89
CA GLN C 44 1.22 17.82 5.74
C GLN C 44 1.95 17.27 6.97
N THR C 45 1.59 17.78 8.14
CA THR C 45 2.28 17.43 9.38
C THR C 45 1.98 15.98 9.80
N LEU C 46 0.72 15.58 9.66
CA LEU C 46 0.30 14.24 10.05
C LEU C 46 0.93 13.15 9.19
N ARG C 47 1.03 13.39 7.88
CA ARG C 47 1.71 12.44 6.99
C ARG C 47 3.18 12.32 7.35
N ALA C 48 3.81 13.46 7.60
CA ALA C 48 5.21 13.54 7.98
C ALA C 48 5.49 12.72 9.25
N ALA C 49 4.61 12.87 10.24
CA ALA C 49 4.73 12.12 11.49
C ALA C 49 4.48 10.62 11.28
N PHE C 50 3.52 10.26 10.43
CA PHE C 50 3.23 8.85 10.16
C PHE C 50 4.37 8.17 9.41
N ILE C 51 4.87 8.81 8.35
CA ILE C 51 6.01 8.31 7.57
C ILE C 51 7.21 7.94 8.46
N LYS C 52 7.62 8.87 9.32
CA LYS C 52 8.78 8.68 10.19
C LYS C 52 8.55 7.54 11.16
N ALA C 53 7.42 7.60 11.86
CA ALA C 53 7.02 6.57 12.81
C ALA C 53 6.98 5.17 12.19
N GLU C 54 6.44 5.07 10.98
CA GLU C 54 6.39 3.81 10.25
C GLU C 54 7.78 3.33 9.81
N LYS C 55 8.60 4.26 9.31
CA LYS C 55 9.96 3.93 8.89
C LYS C 55 10.74 3.21 10.00
N GLU C 56 10.72 3.78 11.20
CA GLU C 56 11.52 3.27 12.31
C GLU C 56 10.92 2.02 12.96
N ASN C 57 9.60 1.86 12.87
CA ASN C 57 8.92 0.73 13.49
C ASN C 57 7.75 0.20 12.68
N PRO C 58 8.03 -0.60 11.62
CA PRO C 58 6.96 -1.11 10.76
C PRO C 58 5.90 -1.92 11.51
N GLY C 59 4.64 -1.70 11.16
CA GLY C 59 3.52 -2.34 11.85
C GLY C 59 2.76 -1.34 12.71
N LEU C 60 3.37 -0.18 12.90
CA LEU C 60 2.83 0.84 13.79
C LEU C 60 1.49 1.41 13.34
N THR C 61 1.35 1.71 12.04
CA THR C 61 0.10 2.27 11.52
C THR C 61 -1.04 1.28 11.64
N GLN C 62 -0.78 0.03 11.25
CA GLN C 62 -1.72 -1.06 11.35
C GLN C 62 -2.20 -1.23 12.80
N ASP C 63 -1.26 -1.17 13.73
CA ASP C 63 -1.56 -1.21 15.15
C ASP C 63 -2.53 -0.11 15.51
N ILE C 64 -2.18 1.12 15.11
CA ILE C 64 -2.99 2.29 15.42
C ILE C 64 -4.40 2.14 14.85
N ILE C 65 -4.50 1.69 13.60
CA ILE C 65 -5.78 1.52 12.94
C ILE C 65 -6.63 0.46 13.64
N MET C 66 -6.06 -0.72 13.88
CA MET C 66 -6.79 -1.81 14.55
C MET C 66 -7.26 -1.42 15.96
N LYS C 67 -6.50 -0.55 16.61
CA LYS C 67 -6.87 -0.06 17.92
C LYS C 67 -8.02 0.95 17.83
N ILE C 68 -8.11 1.64 16.70
CA ILE C 68 -9.22 2.56 16.44
C ILE C 68 -10.51 1.78 16.15
N LEU C 69 -10.44 0.79 15.27
CA LEU C 69 -11.59 -0.09 15.00
C LEU C 69 -12.09 -0.80 16.25
N GLU C 70 -11.17 -1.16 17.15
CA GLU C 70 -11.51 -1.76 18.44
C GLU C 70 -12.43 -0.86 19.25
N LYS C 71 -12.22 0.45 19.15
CA LYS C 71 -12.96 1.41 19.93
C LYS C 71 -14.18 1.96 19.16
N LYS C 72 -14.86 1.05 18.46
CA LYS C 72 -16.01 1.40 17.62
C LYS C 72 -17.22 1.87 18.43
N SER C 73 -17.51 1.18 19.53
CA SER C 73 -18.68 1.50 20.35
C SER C 73 -18.61 2.91 20.95
N VAL C 74 -17.39 3.41 21.15
CA VAL C 74 -17.16 4.78 21.60
C VAL C 74 -17.61 5.76 20.52
N GLU C 75 -17.26 5.46 19.27
CA GLU C 75 -17.64 6.34 18.15
C GLU C 75 -19.13 6.29 17.84
N VAL C 76 -19.73 5.12 18.00
CA VAL C 76 -21.16 4.97 17.81
C VAL C 76 -21.87 5.84 18.85
N ASN C 77 -21.48 5.66 20.11
CA ASN C 77 -21.96 6.46 21.24
C ASN C 77 -21.78 7.96 20.98
N PHE C 78 -20.59 8.36 20.54
CA PHE C 78 -20.29 9.76 20.24
C PHE C 78 -21.16 10.32 19.12
N THR C 79 -21.33 9.54 18.06
CA THR C 79 -22.17 9.93 16.93
C THR C 79 -23.64 10.03 17.36
N GLU C 80 -24.08 9.09 18.19
CA GLU C 80 -25.42 9.13 18.78
C GLU C 80 -25.66 10.46 19.48
N SER C 81 -24.68 10.88 20.29
CA SER C 81 -24.76 12.14 21.03
C SER C 81 -24.79 13.37 20.12
N LEU C 82 -23.90 13.41 19.14
CA LEU C 82 -23.89 14.50 18.16
C LEU C 82 -25.26 14.67 17.52
N LEU C 83 -25.89 13.56 17.17
CA LEU C 83 -27.23 13.58 16.60
C LEU C 83 -28.27 14.16 17.56
N ARG C 84 -28.28 13.68 18.81
CA ARG C 84 -29.26 14.13 19.80
C ARG C 84 -29.14 15.62 20.07
N MET C 85 -27.93 16.13 19.92
CA MET C 85 -27.62 17.54 20.15
C MET C 85 -28.05 18.43 18.99
N ALA C 86 -28.07 17.86 17.78
CA ALA C 86 -28.22 18.63 16.54
C ALA C 86 -29.51 19.46 16.38
N ALA C 87 -30.48 19.25 17.26
CA ALA C 87 -31.80 19.88 17.12
C ALA C 87 -32.00 21.13 17.98
N ASP C 88 -31.04 21.44 18.85
CA ASP C 88 -31.16 22.55 19.79
C ASP C 88 -31.14 23.92 19.10
N ASP C 89 -32.30 24.33 18.59
CA ASP C 89 -32.42 25.59 17.85
C ASP C 89 -32.35 26.80 18.78
N GLU C 99 -44.56 37.63 10.29
CA GLU C 99 -45.57 36.95 9.50
C GLU C 99 -45.77 35.50 10.00
N PRO C 100 -47.04 35.05 10.10
CA PRO C 100 -47.35 33.69 10.54
C PRO C 100 -46.96 32.60 9.53
N GLU C 101 -46.73 32.99 8.28
CA GLU C 101 -46.30 32.07 7.23
C GLU C 101 -44.87 31.59 7.44
N PHE C 102 -44.03 32.47 7.98
CA PHE C 102 -42.67 32.12 8.36
C PHE C 102 -42.63 31.37 9.69
N GLN C 103 -43.65 31.59 10.52
CA GLN C 103 -43.81 30.88 11.79
C GLN C 103 -44.18 29.43 11.54
N ASP C 104 -44.98 29.19 10.51
CA ASP C 104 -45.39 27.85 10.09
C ASP C 104 -44.20 27.04 9.56
N LEU C 105 -43.27 27.73 8.90
CA LEU C 105 -42.06 27.13 8.36
C LEU C 105 -41.05 26.81 9.46
N ASN C 106 -40.93 27.71 10.44
CA ASN C 106 -40.03 27.54 11.57
C ASN C 106 -40.41 26.35 12.46
N GLU C 107 -41.71 26.25 12.78
CA GLU C 107 -42.22 25.19 13.64
C GLU C 107 -42.06 23.80 13.00
N LYS C 108 -42.33 23.71 11.70
CA LYS C 108 -42.27 22.43 11.00
C LYS C 108 -40.86 22.00 10.61
N ALA C 109 -39.91 22.94 10.67
CA ALA C 109 -38.49 22.62 10.50
C ALA C 109 -37.91 22.15 11.83
N ARG C 110 -38.38 22.78 12.92
CA ARG C 110 -38.04 22.37 14.27
C ARG C 110 -38.56 20.95 14.53
N ALA C 111 -39.75 20.67 14.02
CA ALA C 111 -40.38 19.35 14.16
C ALA C 111 -39.58 18.23 13.50
N LEU C 112 -39.05 18.49 12.32
CA LEU C 112 -38.24 17.48 11.60
C LEU C 112 -36.92 17.20 12.33
N LYS C 113 -36.18 18.25 12.65
CA LYS C 113 -34.92 18.13 13.38
C LYS C 113 -35.10 17.40 14.71
N GLN C 114 -36.26 17.62 15.33
CA GLN C 114 -36.62 17.00 16.61
C GLN C 114 -36.73 15.48 16.49
N ILE C 115 -37.57 15.01 15.55
CA ILE C 115 -37.76 13.57 15.34
C ILE C 115 -36.44 12.87 15.00
N LEU C 116 -35.68 13.47 14.09
CA LEU C 116 -34.45 12.88 13.60
C LEU C 116 -33.42 12.68 14.72
N SER C 117 -33.30 13.69 15.58
CA SER C 117 -32.36 13.66 16.70
C SER C 117 -32.68 12.55 17.72
N LYS C 118 -33.91 12.05 17.67
CA LYS C 118 -34.36 11.02 18.61
C LYS C 118 -34.15 9.59 18.09
N ILE C 119 -33.60 9.46 16.87
CA ILE C 119 -33.34 8.14 16.27
C ILE C 119 -32.51 7.19 17.17
N PRO C 120 -31.40 7.67 17.77
CA PRO C 120 -30.57 6.76 18.58
C PRO C 120 -31.35 6.03 19.67
N ASP C 121 -32.51 6.56 20.04
CA ASP C 121 -33.30 6.02 21.14
C ASP C 121 -34.57 5.31 20.69
N GLU C 122 -34.85 5.32 19.39
CA GLU C 122 -36.01 4.65 18.83
C GLU C 122 -35.62 3.40 18.03
N ILE C 123 -34.43 3.43 17.45
CA ILE C 123 -33.90 2.35 16.61
C ILE C 123 -33.87 0.97 17.29
N ASN C 124 -33.79 0.96 18.62
CA ASN C 124 -33.68 -0.28 19.41
C ASN C 124 -34.92 -1.19 19.31
N ASP C 125 -36.10 -0.57 19.35
CA ASP C 125 -37.37 -1.28 19.22
C ASP C 125 -37.88 -1.15 17.79
N ARG C 126 -38.18 -2.29 17.16
CA ARG C 126 -38.58 -2.34 15.76
C ARG C 126 -39.94 -1.69 15.50
N VAL C 127 -40.88 -1.88 16.42
CA VAL C 127 -42.21 -1.28 16.31
C VAL C 127 -42.11 0.25 16.42
N ARG C 128 -41.34 0.71 17.41
CA ARG C 128 -41.12 2.15 17.63
C ARG C 128 -40.35 2.83 16.50
N PHE C 129 -39.32 2.15 15.98
CA PHE C 129 -38.52 2.69 14.88
C PHE C 129 -39.31 2.79 13.59
N LEU C 130 -40.24 1.85 13.38
CA LEU C 130 -41.09 1.84 12.19
C LEU C 130 -42.07 3.02 12.20
N GLN C 131 -42.61 3.33 13.37
CA GLN C 131 -43.46 4.51 13.56
C GLN C 131 -42.64 5.77 13.38
N THR C 132 -41.43 5.77 13.93
CA THR C 132 -40.49 6.87 13.79
C THR C 132 -40.22 7.16 12.31
N ILE C 133 -40.02 6.11 11.53
CA ILE C 133 -39.81 6.22 10.07
C ILE C 133 -41.03 6.84 9.37
N LYS C 134 -42.23 6.45 9.81
CA LYS C 134 -43.46 7.05 9.29
C LYS C 134 -43.58 8.52 9.70
N ASP C 135 -43.18 8.84 10.92
CA ASP C 135 -43.21 10.22 11.43
C ASP C 135 -42.23 11.12 10.67
N ILE C 136 -41.05 10.58 10.36
CA ILE C 136 -40.04 11.27 9.56
C ILE C 136 -40.60 11.63 8.19
N ALA C 137 -41.32 10.68 7.58
CA ALA C 137 -41.90 10.86 6.26
C ALA C 137 -42.93 11.99 6.26
N SER C 138 -43.74 12.05 7.32
CA SER C 138 -44.77 13.08 7.48
C SER C 138 -44.17 14.47 7.70
N ALA C 139 -43.06 14.51 8.46
CA ALA C 139 -42.37 15.76 8.75
C ALA C 139 -41.81 16.39 7.48
N ILE C 140 -41.25 15.55 6.60
CA ILE C 140 -40.73 15.99 5.32
C ILE C 140 -41.85 16.52 4.41
N LYS C 141 -42.99 15.82 4.37
CA LYS C 141 -44.16 16.27 3.59
C LYS C 141 -44.59 17.67 4.03
N GLU C 142 -44.79 17.83 5.35
CA GLU C 142 -45.28 19.08 5.93
C GLU C 142 -44.31 20.25 5.78
N LEU C 143 -43.01 19.96 5.80
CA LEU C 143 -41.99 20.99 5.63
C LEU C 143 -41.93 21.49 4.18
N LEU C 144 -41.90 20.54 3.23
CA LEU C 144 -41.86 20.86 1.81
C LEU C 144 -43.10 21.61 1.34
N ASP C 145 -44.25 21.29 1.95
CA ASP C 145 -45.51 21.99 1.67
C ASP C 145 -45.41 23.47 2.02
N THR C 146 -44.75 23.78 3.13
CA THR C 146 -44.58 25.16 3.58
C THR C 146 -43.53 25.89 2.75
N VAL C 147 -42.56 25.13 2.21
CA VAL C 147 -41.54 25.70 1.32
C VAL C 147 -42.17 26.11 -0.01
N ASN C 148 -42.99 25.21 -0.58
CA ASN C 148 -43.76 25.51 -1.79
C ASN C 148 -44.74 26.67 -1.58
N ASN C 149 -45.16 26.85 -0.33
CA ASN C 149 -46.07 27.93 0.06
C ASN C 149 -45.39 29.30 0.10
N VAL C 150 -44.19 29.37 0.67
CA VAL C 150 -43.46 30.63 0.83
C VAL C 150 -42.86 31.13 -0.49
N PHE C 151 -42.44 30.20 -1.35
CA PHE C 151 -41.91 30.55 -2.67
C PHE C 151 -42.97 31.18 -3.59
N LYS C 152 -44.22 30.83 -3.36
CA LYS C 152 -45.35 31.38 -4.11
C LYS C 152 -45.86 32.70 -3.55
N LYS C 153 -45.54 32.98 -2.28
CA LYS C 153 -45.96 34.22 -1.62
C LYS C 153 -44.88 35.30 -1.62
N TYR C 154 -43.63 34.91 -1.86
CA TYR C 154 -42.51 35.85 -1.89
C TYR C 154 -41.56 35.54 -3.03
N ARG C 160 -33.77 35.69 -4.87
CA ARG C 160 -34.36 34.37 -5.05
C ARG C 160 -33.29 33.30 -5.24
N ALA C 161 -32.25 33.39 -4.42
CA ALA C 161 -31.15 32.42 -4.44
C ALA C 161 -31.35 31.33 -3.38
N LEU C 162 -32.59 30.85 -3.27
CA LEU C 162 -32.97 29.83 -2.29
C LEU C 162 -33.47 28.56 -2.99
N GLU C 163 -33.30 28.53 -4.31
CA GLU C 163 -33.84 27.47 -5.16
C GLU C 163 -33.14 26.13 -4.95
N HIS C 164 -31.81 26.15 -4.96
CA HIS C 164 -30.98 24.94 -4.95
C HIS C 164 -31.05 24.15 -3.65
N GLN C 165 -31.28 24.85 -2.54
CA GLN C 165 -31.34 24.23 -1.22
C GLN C 165 -32.47 23.22 -1.09
N LYS C 166 -33.59 23.51 -1.76
CA LYS C 166 -34.74 22.60 -1.83
C LYS C 166 -34.34 21.31 -2.54
N LYS C 167 -33.63 21.45 -3.66
CA LYS C 167 -33.14 20.30 -4.44
C LYS C 167 -32.15 19.45 -3.65
N GLU C 168 -31.29 20.12 -2.88
CA GLU C 168 -30.30 19.44 -2.05
C GLU C 168 -30.95 18.69 -0.89
N PHE C 169 -32.00 19.29 -0.32
CA PHE C 169 -32.76 18.67 0.75
C PHE C 169 -33.35 17.33 0.30
N VAL C 170 -33.93 17.33 -0.89
CA VAL C 170 -34.51 16.12 -1.50
C VAL C 170 -33.43 15.05 -1.69
N LYS C 171 -32.28 15.47 -2.22
CA LYS C 171 -31.17 14.56 -2.49
C LYS C 171 -30.72 13.85 -1.22
N TYR C 172 -30.58 14.61 -0.13
CA TYR C 172 -30.21 14.06 1.17
C TYR C 172 -31.36 13.33 1.85
N SER C 173 -32.59 13.71 1.51
CA SER C 173 -33.78 13.02 2.01
C SER C 173 -33.86 11.62 1.39
N LYS C 174 -33.66 11.56 0.07
CA LYS C 174 -33.69 10.31 -0.69
C LYS C 174 -32.53 9.39 -0.30
N SER C 175 -31.38 9.99 0.02
CA SER C 175 -30.20 9.25 0.45
C SER C 175 -30.42 8.59 1.80
N PHE C 176 -30.99 9.34 2.75
CA PHE C 176 -31.34 8.84 4.07
C PHE C 176 -32.28 7.65 3.97
N SER C 177 -33.20 7.69 3.00
CA SER C 177 -34.13 6.59 2.74
C SER C 177 -33.39 5.31 2.37
N ASP C 178 -32.48 5.41 1.40
CA ASP C 178 -31.69 4.28 0.94
C ASP C 178 -30.77 3.74 2.04
N THR C 179 -30.37 4.63 2.95
CA THR C 179 -29.54 4.25 4.08
C THR C 179 -30.29 3.33 5.05
N LEU C 180 -31.57 3.67 5.32
CA LEU C 180 -32.43 2.83 6.16
C LEU C 180 -32.47 1.39 5.68
N LYS C 181 -32.72 1.22 4.37
CA LYS C 181 -32.80 -0.10 3.75
C LYS C 181 -31.49 -0.86 3.85
N THR C 182 -30.37 -0.14 3.77
CA THR C 182 -29.05 -0.74 3.92
C THR C 182 -28.82 -1.18 5.38
N TYR C 183 -29.38 -0.43 6.33
CA TYR C 183 -29.29 -0.78 7.75
C TYR C 183 -30.05 -2.06 8.10
N PHE C 184 -31.25 -2.22 7.54
CA PHE C 184 -32.05 -3.44 7.79
C PHE C 184 -31.38 -4.69 7.22
N LYS C 185 -30.43 -4.50 6.31
CA LYS C 185 -29.58 -5.56 5.79
C LYS C 185 -28.33 -5.74 6.67
N ASP C 186 -27.67 -4.63 6.99
CA ASP C 186 -26.39 -4.65 7.70
C ASP C 186 -26.50 -4.78 9.21
N GLY C 187 -27.33 -3.95 9.81
CA GLY C 187 -27.44 -3.88 11.27
C GLY C 187 -26.51 -2.82 11.85
N LYS C 188 -25.71 -2.20 10.99
CA LYS C 188 -24.80 -1.13 11.41
C LYS C 188 -25.53 0.21 11.47
N ALA C 189 -25.89 0.60 12.69
CA ALA C 189 -26.75 1.77 12.93
C ALA C 189 -26.03 3.11 12.80
N ILE C 190 -24.72 3.05 12.65
CA ILE C 190 -23.89 4.27 12.56
C ILE C 190 -24.18 5.06 11.27
N ASN C 191 -24.41 4.35 10.18
CA ASN C 191 -24.74 4.99 8.90
C ASN C 191 -25.99 5.87 8.96
N VAL C 192 -26.97 5.43 9.74
CA VAL C 192 -28.27 6.10 9.87
C VAL C 192 -28.14 7.39 10.67
N PHE C 193 -27.29 7.37 11.69
CA PHE C 193 -27.04 8.54 12.55
C PHE C 193 -26.33 9.65 11.77
N VAL C 194 -25.26 9.27 11.06
CA VAL C 194 -24.50 10.19 10.22
C VAL C 194 -25.42 10.82 9.17
N SER C 195 -26.25 9.98 8.56
CA SER C 195 -27.21 10.41 7.55
C SER C 195 -28.26 11.39 8.08
N ALA C 196 -28.84 11.06 9.24
CA ALA C 196 -29.86 11.89 9.87
C ALA C 196 -29.29 13.26 10.27
N ASN C 197 -28.04 13.27 10.69
CA ASN C 197 -27.35 14.49 11.08
C ASN C 197 -27.10 15.41 9.89
N ARG C 198 -26.86 14.81 8.73
CA ARG C 198 -26.72 15.53 7.47
C ARG C 198 -28.06 16.16 7.05
N LEU C 199 -29.16 15.42 7.25
CA LEU C 199 -30.49 15.91 6.89
C LEU C 199 -30.95 17.05 7.81
N ILE C 200 -30.44 17.06 9.04
CA ILE C 200 -30.70 18.15 9.97
C ILE C 200 -29.94 19.41 9.54
N HIS C 201 -28.73 19.21 9.01
CA HIS C 201 -27.92 20.34 8.52
C HIS C 201 -28.54 20.97 7.28
N GLN C 202 -29.13 20.13 6.43
CA GLN C 202 -29.82 20.59 5.22
C GLN C 202 -31.09 21.37 5.55
N THR C 203 -31.70 21.03 6.68
CA THR C 203 -32.86 21.75 7.18
C THR C 203 -32.42 23.13 7.70
N ASN C 204 -31.23 23.19 8.28
CA ASN C 204 -30.66 24.45 8.77
C ASN C 204 -30.20 25.38 7.66
N LEU C 205 -29.67 24.79 6.57
CA LEU C 205 -29.22 25.56 5.41
C LEU C 205 -30.36 26.30 4.71
N ILE C 206 -31.54 25.68 4.69
CA ILE C 206 -32.74 26.28 4.11
C ILE C 206 -33.17 27.52 4.88
N LEU C 207 -33.24 27.41 6.21
CA LEU C 207 -33.63 28.53 7.07
C LEU C 207 -32.61 29.67 7.04
N GLN C 208 -31.34 29.32 6.83
CA GLN C 208 -30.25 30.31 6.76
C GLN C 208 -30.34 31.20 5.51
N THR C 209 -30.84 30.63 4.42
CA THR C 209 -30.96 31.34 3.15
C THR C 209 -32.03 32.44 3.22
N PHE C 210 -33.09 32.19 3.97
CA PHE C 210 -34.12 33.19 4.24
C PHE C 210 -33.60 34.29 5.16
N LYS C 211 -32.66 33.92 6.04
CA LYS C 211 -32.01 34.87 6.94
C LYS C 211 -30.99 35.71 6.19
N LYS D 11 -10.31 33.98 22.78
CA LYS D 11 -9.34 33.90 23.91
C LYS D 11 -9.72 32.77 24.87
N ASN D 12 -10.74 33.01 25.70
CA ASN D 12 -11.24 32.04 26.66
C ASN D 12 -11.91 30.86 25.97
N GLU D 13 -12.71 31.15 24.95
CA GLU D 13 -13.40 30.13 24.15
C GLU D 13 -12.44 29.29 23.30
N ALA D 14 -11.30 29.88 22.93
CA ALA D 14 -10.26 29.17 22.18
C ALA D 14 -9.56 28.13 23.06
N GLU D 15 -9.51 28.40 24.37
CA GLU D 15 -8.89 27.49 25.33
C GLU D 15 -9.81 26.30 25.68
N THR D 16 -11.08 26.60 25.94
CA THR D 16 -12.05 25.56 26.28
C THR D 16 -12.32 24.60 25.11
N THR D 17 -12.20 23.30 25.40
CA THR D 17 -12.34 22.25 24.41
C THR D 17 -13.79 22.03 24.04
N SER D 18 -14.06 21.98 22.73
CA SER D 18 -15.41 21.72 22.25
C SER D 18 -15.71 20.22 22.22
N MET D 19 -17.00 19.91 22.29
CA MET D 19 -17.51 18.53 22.28
C MET D 19 -17.02 17.69 21.10
N VAL D 20 -16.90 18.32 19.94
CA VAL D 20 -16.49 17.63 18.71
C VAL D 20 -15.03 17.17 18.74
N SER D 21 -14.28 17.56 19.77
CA SER D 21 -12.88 17.14 19.93
C SER D 21 -12.68 15.92 20.84
N MET D 22 -13.77 15.42 21.42
CA MET D 22 -13.70 14.32 22.38
C MET D 22 -13.00 13.05 21.88
N PRO D 23 -13.22 12.66 20.59
CA PRO D 23 -12.56 11.45 20.07
C PRO D 23 -11.03 11.49 20.15
N LEU D 24 -10.44 12.68 20.06
CA LEU D 24 -9.01 12.84 20.34
C LEU D 24 -8.64 12.26 21.72
N TYR D 25 -9.48 12.53 22.72
CA TYR D 25 -9.22 12.08 24.09
C TYR D 25 -9.79 10.69 24.40
N ALA D 26 -10.88 10.33 23.74
CA ALA D 26 -11.54 9.05 23.98
C ALA D 26 -10.96 7.93 23.11
N VAL D 27 -10.33 8.30 22.00
CA VAL D 27 -9.80 7.32 21.06
C VAL D 27 -8.29 7.44 20.87
N MET D 28 -7.81 8.63 20.51
CA MET D 28 -6.39 8.76 20.13
C MET D 28 -5.44 8.66 21.33
N TYR D 29 -5.76 9.37 22.40
CA TYR D 29 -4.91 9.39 23.60
C TYR D 29 -4.67 8.01 24.22
N PRO D 30 -5.72 7.17 24.39
CA PRO D 30 -5.46 5.84 24.94
C PRO D 30 -4.52 5.03 24.04
N VAL D 31 -4.61 5.27 22.73
CA VAL D 31 -3.74 4.62 21.74
C VAL D 31 -2.28 5.08 21.91
N PHE D 32 -2.07 6.38 22.04
CA PHE D 32 -0.72 6.92 22.21
C PHE D 32 -0.12 6.57 23.56
N ASN D 33 -0.96 6.55 24.60
CA ASN D 33 -0.55 6.12 25.94
C ASN D 33 -0.10 4.67 25.98
N GLU D 34 -0.81 3.81 25.25
CA GLU D 34 -0.45 2.39 25.13
C GLU D 34 0.84 2.23 24.33
N LEU D 35 1.03 3.08 23.33
CA LEU D 35 2.18 3.03 22.45
C LEU D 35 3.46 3.53 23.13
N GLU D 36 3.30 4.56 23.96
CA GLU D 36 4.41 5.23 24.64
C GLU D 36 5.31 4.28 25.41
N ARG D 37 4.75 3.16 25.84
CA ARG D 37 5.46 2.12 26.57
C ARG D 37 6.56 1.48 25.74
N VAL D 38 6.26 1.22 24.46
CA VAL D 38 7.19 0.53 23.56
C VAL D 38 7.85 1.46 22.54
N ASN D 39 7.39 2.71 22.48
CA ASN D 39 7.91 3.68 21.51
C ASN D 39 7.58 5.12 21.93
N LEU D 40 8.50 5.77 22.63
CA LEU D 40 8.28 7.12 23.15
C LEU D 40 8.23 8.19 22.05
N SER D 41 9.27 8.24 21.22
CA SER D 41 9.37 9.26 20.17
C SER D 41 8.17 9.25 19.22
N ALA D 42 7.80 8.08 18.71
CA ALA D 42 6.64 7.95 17.84
C ALA D 42 5.35 8.38 18.54
N ALA D 43 5.21 8.00 19.81
CA ALA D 43 4.04 8.38 20.59
C ALA D 43 3.94 9.89 20.80
N GLN D 44 5.08 10.52 21.05
CA GLN D 44 5.14 11.97 21.27
C GLN D 44 4.81 12.76 20.02
N THR D 45 5.50 12.44 18.92
CA THR D 45 5.38 13.19 17.67
C THR D 45 3.97 13.11 17.07
N LEU D 46 3.37 11.92 17.12
CA LEU D 46 2.02 11.72 16.61
C LEU D 46 0.98 12.43 17.47
N ARG D 47 1.10 12.30 18.80
CA ARG D 47 0.25 13.05 19.73
C ARG D 47 0.38 14.55 19.50
N ALA D 48 1.61 15.03 19.36
CA ALA D 48 1.86 16.44 19.07
C ALA D 48 1.19 16.86 17.76
N ALA D 49 1.29 16.00 16.74
CA ALA D 49 0.69 16.27 15.44
C ALA D 49 -0.83 16.38 15.55
N PHE D 50 -1.43 15.44 16.27
CA PHE D 50 -2.88 15.42 16.45
C PHE D 50 -3.39 16.58 17.30
N ILE D 51 -2.62 16.97 18.32
CA ILE D 51 -2.97 18.11 19.16
C ILE D 51 -2.89 19.39 18.34
N LYS D 52 -1.77 19.58 17.64
CA LYS D 52 -1.59 20.72 16.75
C LYS D 52 -2.78 20.81 15.79
N ALA D 53 -3.08 19.70 15.12
CA ALA D 53 -4.14 19.64 14.13
C ALA D 53 -5.52 19.96 14.71
N GLU D 54 -5.85 19.32 15.84
CA GLU D 54 -7.16 19.46 16.45
C GLU D 54 -7.44 20.86 16.97
N LYS D 55 -6.46 21.45 17.64
CA LYS D 55 -6.60 22.79 18.20
C LYS D 55 -6.81 23.84 17.09
N GLU D 56 -6.16 23.64 15.94
CA GLU D 56 -6.29 24.57 14.82
C GLU D 56 -7.61 24.42 14.08
N ASN D 57 -8.08 23.18 13.92
CA ASN D 57 -9.36 22.92 13.27
C ASN D 57 -10.14 21.83 14.01
N PRO D 58 -10.92 22.25 15.03
CA PRO D 58 -11.67 21.32 15.87
C PRO D 58 -12.63 20.42 15.08
N GLY D 59 -12.59 19.12 15.40
CA GLY D 59 -13.45 18.14 14.77
C GLY D 59 -12.71 17.34 13.74
N LEU D 60 -11.45 17.69 13.54
CA LEU D 60 -10.60 17.06 12.53
C LEU D 60 -10.28 15.63 12.89
N THR D 61 -9.98 15.40 14.17
CA THR D 61 -9.66 14.07 14.65
C THR D 61 -10.83 13.13 14.45
N GLN D 62 -12.03 13.64 14.71
CA GLN D 62 -13.28 12.90 14.46
C GLN D 62 -13.43 12.53 13.00
N ASP D 63 -13.05 13.44 12.10
CA ASP D 63 -13.13 13.19 10.67
C ASP D 63 -12.20 12.05 10.27
N ILE D 64 -11.00 12.03 10.85
CA ILE D 64 -10.03 10.96 10.58
C ILE D 64 -10.58 9.61 11.03
N ILE D 65 -11.04 9.54 12.28
CA ILE D 65 -11.59 8.30 12.85
C ILE D 65 -12.64 7.70 11.93
N MET D 66 -13.59 8.54 11.49
CA MET D 66 -14.67 8.10 10.62
C MET D 66 -14.21 7.59 9.26
N LYS D 67 -13.18 8.20 8.70
CA LYS D 67 -12.62 7.75 7.41
C LYS D 67 -11.94 6.40 7.54
N ILE D 68 -11.46 6.10 8.74
CA ILE D 68 -10.80 4.83 9.05
C ILE D 68 -11.82 3.72 9.31
N LEU D 69 -12.87 4.02 10.08
CA LEU D 69 -13.96 3.07 10.30
C LEU D 69 -14.68 2.76 9.00
N GLU D 70 -14.68 3.72 8.09
CA GLU D 70 -15.24 3.56 6.76
C GLU D 70 -14.54 2.43 6.01
N LYS D 71 -13.27 2.21 6.35
CA LYS D 71 -12.44 1.20 5.71
C LYS D 71 -12.32 -0.09 6.54
N LYS D 72 -13.24 -0.29 7.47
CA LYS D 72 -13.28 -1.45 8.36
C LYS D 72 -13.03 -2.78 7.64
N SER D 73 -13.85 -3.07 6.63
CA SER D 73 -13.82 -4.35 5.94
C SER D 73 -12.54 -4.54 5.12
N VAL D 74 -12.06 -3.46 4.51
CA VAL D 74 -10.78 -3.47 3.81
C VAL D 74 -9.67 -3.81 4.81
N GLU D 75 -9.69 -3.13 5.95
CA GLU D 75 -8.70 -3.37 6.99
C GLU D 75 -8.79 -4.75 7.62
N VAL D 76 -10.01 -5.28 7.69
CA VAL D 76 -10.25 -6.62 8.21
C VAL D 76 -9.72 -7.66 7.22
N ASN D 77 -9.99 -7.46 5.93
CA ASN D 77 -9.46 -8.33 4.89
C ASN D 77 -7.93 -8.32 4.81
N PHE D 78 -7.34 -7.13 4.94
CA PHE D 78 -5.88 -6.99 4.95
C PHE D 78 -5.21 -7.67 6.16
N THR D 79 -5.82 -7.56 7.33
CA THR D 79 -5.27 -8.18 8.53
C THR D 79 -5.18 -9.70 8.38
N GLU D 80 -6.24 -10.30 7.84
CA GLU D 80 -6.26 -11.73 7.58
C GLU D 80 -5.19 -12.08 6.56
N SER D 81 -5.09 -11.23 5.55
CA SER D 81 -4.11 -11.34 4.47
C SER D 81 -2.69 -11.34 5.00
N LEU D 82 -2.43 -10.46 5.98
CA LEU D 82 -1.12 -10.37 6.61
C LEU D 82 -0.76 -11.63 7.38
N LEU D 83 -1.76 -12.21 8.03
CA LEU D 83 -1.61 -13.47 8.74
C LEU D 83 -1.32 -14.64 7.81
N ARG D 84 -2.00 -14.67 6.66
CA ARG D 84 -1.79 -15.74 5.68
C ARG D 84 -0.39 -15.66 5.06
N MET D 85 0.18 -14.46 5.04
CA MET D 85 1.51 -14.21 4.48
C MET D 85 2.64 -14.45 5.50
N ALA D 86 2.27 -14.58 6.77
CA ALA D 86 3.23 -14.78 7.86
C ALA D 86 4.05 -16.07 7.67
N ALA D 87 3.54 -16.93 6.79
CA ALA D 87 4.23 -18.15 6.39
C ALA D 87 5.57 -17.86 5.69
N ASP D 88 5.57 -16.88 4.78
CA ASP D 88 6.74 -16.54 3.95
C ASP D 88 7.98 -16.12 4.74
N ASP D 89 7.78 -15.57 5.93
CA ASP D 89 8.90 -15.17 6.80
C ASP D 89 9.05 -16.10 7.99
N GLU D 99 25.36 -24.15 14.14
CA GLU D 99 24.95 -24.54 15.49
C GLU D 99 23.68 -25.38 15.46
N PRO D 100 23.59 -26.39 16.34
CA PRO D 100 22.37 -27.21 16.45
C PRO D 100 21.23 -26.50 17.19
N GLU D 101 21.54 -25.90 18.34
CA GLU D 101 20.54 -25.25 19.18
C GLU D 101 19.91 -24.00 18.55
N PHE D 102 20.71 -23.27 17.78
CA PHE D 102 20.21 -22.10 17.05
C PHE D 102 19.37 -22.51 15.85
N GLN D 103 19.72 -23.63 15.24
CA GLN D 103 18.90 -24.24 14.19
C GLN D 103 17.57 -24.72 14.75
N ASP D 104 17.60 -25.24 15.98
CA ASP D 104 16.40 -25.64 16.71
C ASP D 104 15.53 -24.42 17.01
N LEU D 105 16.16 -23.32 17.42
CA LEU D 105 15.47 -22.06 17.71
C LEU D 105 14.78 -21.52 16.46
N ASN D 106 15.50 -21.54 15.34
CA ASN D 106 14.95 -21.12 14.06
C ASN D 106 13.78 -22.00 13.60
N GLU D 107 13.95 -23.31 13.76
CA GLU D 107 12.95 -24.29 13.34
C GLU D 107 11.62 -24.16 14.11
N LYS D 108 11.71 -24.03 15.42
CA LYS D 108 10.51 -23.96 16.27
C LYS D 108 9.79 -22.61 16.22
N ALA D 109 10.50 -21.56 15.83
CA ALA D 109 9.88 -20.26 15.56
C ALA D 109 9.13 -20.32 14.24
N ARG D 110 9.74 -20.99 13.26
CA ARG D 110 9.16 -21.21 11.94
C ARG D 110 7.87 -22.04 12.05
N ALA D 111 7.90 -23.05 12.91
CA ALA D 111 6.74 -23.91 13.16
C ALA D 111 5.55 -23.09 13.66
N LEU D 112 5.79 -22.26 14.68
CA LEU D 112 4.71 -21.46 15.27
C LEU D 112 4.08 -20.49 14.28
N LYS D 113 4.92 -19.77 13.54
CA LYS D 113 4.45 -18.80 12.55
C LYS D 113 3.61 -19.45 11.45
N GLN D 114 4.08 -20.61 10.96
CA GLN D 114 3.39 -21.37 9.92
C GLN D 114 2.02 -21.87 10.40
N ILE D 115 1.94 -22.31 11.65
CA ILE D 115 0.69 -22.83 12.17
C ILE D 115 -0.31 -21.71 12.46
N LEU D 116 0.18 -20.58 13.00
CA LEU D 116 -0.66 -19.40 13.21
C LEU D 116 -1.18 -18.86 11.89
N SER D 117 -0.36 -18.92 10.84
CA SER D 117 -0.74 -18.51 9.49
C SER D 117 -1.88 -19.34 8.87
N LYS D 118 -2.11 -20.52 9.42
CA LYS D 118 -3.19 -21.40 8.96
C LYS D 118 -4.55 -21.09 9.59
N ILE D 119 -4.56 -20.22 10.60
CA ILE D 119 -5.78 -19.90 11.35
C ILE D 119 -6.99 -19.55 10.46
N PRO D 120 -6.81 -18.64 9.47
CA PRO D 120 -7.95 -18.28 8.62
C PRO D 120 -8.54 -19.41 7.78
N ASP D 121 -7.86 -20.54 7.71
CA ASP D 121 -8.37 -21.72 7.01
C ASP D 121 -9.13 -22.67 7.93
N GLU D 122 -8.80 -22.61 9.21
CA GLU D 122 -9.34 -23.54 10.19
C GLU D 122 -10.42 -22.90 11.05
N ILE D 123 -10.48 -21.56 11.05
CA ILE D 123 -11.39 -20.81 11.93
C ILE D 123 -12.89 -21.05 11.65
N ASN D 124 -13.25 -21.30 10.40
CA ASN D 124 -14.63 -21.56 10.03
C ASN D 124 -14.97 -23.05 10.04
N ASP D 125 -14.28 -23.77 10.92
CA ASP D 125 -14.48 -25.20 11.11
C ASP D 125 -14.17 -25.50 12.58
N ARG D 126 -15.21 -25.53 13.40
CA ARG D 126 -15.07 -25.65 14.85
C ARG D 126 -14.32 -26.90 15.30
N VAL D 127 -14.43 -27.97 14.52
CA VAL D 127 -13.69 -29.21 14.78
C VAL D 127 -12.20 -29.00 14.51
N ARG D 128 -11.87 -28.58 13.29
CA ARG D 128 -10.49 -28.35 12.86
C ARG D 128 -9.79 -27.24 13.64
N PHE D 129 -10.56 -26.23 14.04
CA PHE D 129 -10.03 -25.08 14.77
C PHE D 129 -9.50 -25.47 16.15
N LEU D 130 -10.24 -26.32 16.85
CA LEU D 130 -9.81 -26.82 18.16
C LEU D 130 -8.51 -27.63 18.03
N GLN D 131 -8.42 -28.42 16.96
CA GLN D 131 -7.19 -29.16 16.64
C GLN D 131 -6.03 -28.19 16.40
N THR D 132 -6.32 -27.12 15.67
CA THR D 132 -5.35 -26.08 15.37
C THR D 132 -4.90 -25.35 16.63
N ILE D 133 -5.86 -25.02 17.50
CA ILE D 133 -5.56 -24.37 18.78
C ILE D 133 -4.61 -25.24 19.61
N LYS D 134 -4.91 -26.53 19.68
CA LYS D 134 -4.02 -27.52 20.31
C LYS D 134 -2.63 -27.52 19.70
N ASP D 135 -2.56 -27.53 18.37
CA ASP D 135 -1.29 -27.44 17.65
C ASP D 135 -0.53 -26.16 18.00
N ILE D 136 -1.25 -25.05 18.10
CA ILE D 136 -0.67 -23.77 18.50
C ILE D 136 -0.08 -23.86 19.92
N ALA D 137 -0.90 -24.35 20.85
CA ALA D 137 -0.49 -24.52 22.25
C ALA D 137 0.81 -25.30 22.38
N SER D 138 0.93 -26.38 21.61
CA SER D 138 2.12 -27.20 21.57
C SER D 138 3.31 -26.45 20.97
N ALA D 139 3.07 -25.75 19.85
CA ALA D 139 4.13 -25.02 19.15
C ALA D 139 4.71 -23.87 19.99
N ILE D 140 3.86 -23.23 20.79
CA ILE D 140 4.30 -22.17 21.71
C ILE D 140 5.23 -22.74 22.78
N LYS D 141 4.78 -23.79 23.46
CA LYS D 141 5.54 -24.45 24.52
C LYS D 141 6.90 -24.93 24.02
N GLU D 142 6.91 -25.51 22.83
CA GLU D 142 8.13 -25.99 22.20
C GLU D 142 9.12 -24.86 21.92
N LEU D 143 8.62 -23.73 21.44
CA LEU D 143 9.45 -22.54 21.22
C LEU D 143 9.94 -21.96 22.54
N LEU D 144 9.07 -21.97 23.55
CA LEU D 144 9.34 -21.35 24.84
C LEU D 144 10.45 -22.06 25.65
N ASP D 145 10.47 -23.39 25.61
CA ASP D 145 11.54 -24.13 26.28
C ASP D 145 12.82 -24.20 25.44
N THR D 146 12.69 -23.98 24.14
CA THR D 146 13.84 -23.84 23.24
C THR D 146 14.63 -22.60 23.63
N VAL D 147 13.90 -21.50 23.86
CA VAL D 147 14.47 -20.26 24.37
C VAL D 147 15.24 -20.51 25.67
N ASN D 148 14.61 -21.25 26.59
CA ASN D 148 15.23 -21.61 27.87
C ASN D 148 16.48 -22.47 27.71
N ASN D 149 16.52 -23.27 26.66
CA ASN D 149 17.68 -24.13 26.37
C ASN D 149 18.90 -23.35 25.89
N VAL D 150 18.66 -22.36 25.01
CA VAL D 150 19.73 -21.53 24.47
C VAL D 150 20.32 -20.63 25.55
N PHE D 151 19.48 -20.16 26.47
CA PHE D 151 19.94 -19.37 27.60
C PHE D 151 20.70 -20.22 28.63
N LYS D 152 20.29 -21.48 28.77
CA LYS D 152 20.92 -22.41 29.72
C LYS D 152 22.04 -23.25 29.12
N LYS D 153 22.57 -22.82 27.97
CA LYS D 153 23.70 -23.51 27.34
C LYS D 153 24.75 -22.55 26.79
N TYR D 154 24.39 -21.28 26.66
CA TYR D 154 25.28 -20.28 26.08
C TYR D 154 25.51 -19.08 26.99
N GLN D 155 24.43 -18.55 27.55
CA GLN D 155 24.41 -17.23 28.22
C GLN D 155 24.87 -16.14 27.24
N TYR D 156 23.91 -15.62 26.48
CA TYR D 156 24.19 -14.65 25.43
C TYR D 156 24.65 -13.32 26.02
N GLN D 157 25.38 -12.54 25.21
CA GLN D 157 25.92 -11.23 25.62
C GLN D 157 24.85 -10.28 26.13
N ASN D 158 23.65 -10.39 25.57
CA ASN D 158 22.48 -9.62 26.00
C ASN D 158 22.07 -9.94 27.45
N ARG D 159 21.56 -8.92 28.14
CA ARG D 159 21.20 -9.03 29.56
C ARG D 159 19.82 -9.69 29.75
N ARG D 160 19.09 -9.18 30.74
CA ARG D 160 17.69 -9.56 30.97
C ARG D 160 16.79 -9.00 29.88
N ALA D 161 17.41 -8.45 28.83
CA ALA D 161 16.70 -7.96 27.65
C ALA D 161 16.04 -9.12 26.91
N LEU D 162 16.71 -10.28 26.91
CA LEU D 162 16.14 -11.51 26.41
C LEU D 162 15.03 -11.98 27.35
N GLU D 163 15.30 -11.91 28.65
CA GLU D 163 14.37 -12.34 29.69
C GLU D 163 13.09 -11.52 29.67
N HIS D 164 13.23 -10.21 29.49
CA HIS D 164 12.11 -9.29 29.36
C HIS D 164 11.33 -9.60 28.08
N GLN D 165 12.04 -9.90 27.00
CA GLN D 165 11.42 -10.22 25.72
C GLN D 165 10.64 -11.53 25.79
N LYS D 166 11.15 -12.49 26.58
CA LYS D 166 10.45 -13.72 26.91
C LYS D 166 9.16 -13.41 27.68
N LYS D 167 9.27 -12.58 28.71
CA LYS D 167 8.12 -12.11 29.49
C LYS D 167 7.07 -11.44 28.60
N GLU D 168 7.54 -10.65 27.63
CA GLU D 168 6.67 -9.99 26.68
C GLU D 168 5.94 -11.02 25.80
N PHE D 169 6.67 -12.03 25.34
CA PHE D 169 6.08 -13.10 24.53
C PHE D 169 5.00 -13.84 25.30
N VAL D 170 5.30 -14.19 26.55
CA VAL D 170 4.36 -14.89 27.43
C VAL D 170 3.10 -14.06 27.68
N LYS D 171 3.30 -12.77 27.93
CA LYS D 171 2.19 -11.83 28.09
C LYS D 171 1.25 -11.88 26.89
N TYR D 172 1.80 -11.66 25.70
CA TYR D 172 1.02 -11.66 24.46
C TYR D 172 0.49 -13.03 24.08
N SER D 173 1.15 -14.08 24.57
CA SER D 173 0.72 -15.46 24.34
C SER D 173 -0.57 -15.75 25.11
N LYS D 174 -0.66 -15.22 26.34
CA LYS D 174 -1.88 -15.35 27.14
C LYS D 174 -2.95 -14.37 26.65
N SER D 175 -2.50 -13.22 26.13
CA SER D 175 -3.39 -12.24 25.49
C SER D 175 -4.12 -12.89 24.32
N PHE D 176 -3.39 -13.70 23.56
CA PHE D 176 -3.94 -14.52 22.48
C PHE D 176 -5.01 -15.48 22.99
N SER D 177 -4.74 -16.11 24.13
CA SER D 177 -5.66 -17.07 24.75
C SER D 177 -6.95 -16.42 25.24
N ASP D 178 -6.84 -15.22 25.81
CA ASP D 178 -8.01 -14.45 26.27
C ASP D 178 -8.86 -13.97 25.09
N THR D 179 -8.20 -13.68 23.97
CA THR D 179 -8.87 -13.32 22.73
C THR D 179 -9.64 -14.52 22.17
N LEU D 180 -9.07 -15.71 22.36
CA LEU D 180 -9.71 -16.97 21.97
C LEU D 180 -11.01 -17.25 22.72
N LYS D 181 -10.99 -17.05 24.03
CA LYS D 181 -12.18 -17.27 24.87
C LYS D 181 -13.28 -16.23 24.61
N THR D 182 -12.87 -15.01 24.25
CA THR D 182 -13.80 -13.95 23.85
C THR D 182 -14.44 -14.28 22.51
N TYR D 183 -13.64 -14.85 21.60
CA TYR D 183 -14.11 -15.24 20.26
C TYR D 183 -15.28 -16.21 20.28
N PHE D 184 -15.23 -17.18 21.19
CA PHE D 184 -16.30 -18.17 21.31
C PHE D 184 -17.60 -17.58 21.85
N LYS D 185 -17.50 -16.40 22.46
CA LYS D 185 -18.67 -15.71 23.03
C LYS D 185 -19.27 -14.64 22.12
N ASP D 186 -18.43 -14.00 21.30
CA ASP D 186 -18.91 -12.93 20.42
C ASP D 186 -18.81 -13.22 18.91
N GLY D 187 -17.91 -14.13 18.55
CA GLY D 187 -17.76 -14.55 17.15
C GLY D 187 -16.85 -13.70 16.28
N LYS D 188 -16.32 -12.62 16.86
CA LYS D 188 -15.49 -11.66 16.10
C LYS D 188 -14.09 -12.18 15.79
N ALA D 189 -13.92 -12.73 14.59
CA ALA D 189 -12.69 -13.41 14.17
C ALA D 189 -11.50 -12.47 13.96
N ILE D 190 -11.79 -11.21 13.61
CA ILE D 190 -10.74 -10.22 13.37
C ILE D 190 -9.79 -10.04 14.56
N ASN D 191 -10.34 -10.05 15.77
CA ASN D 191 -9.54 -9.90 16.98
C ASN D 191 -8.53 -11.03 17.14
N VAL D 192 -8.89 -12.22 16.68
CA VAL D 192 -7.99 -13.38 16.69
C VAL D 192 -6.86 -13.20 15.68
N PHE D 193 -7.18 -12.67 14.50
CA PHE D 193 -6.19 -12.37 13.46
C PHE D 193 -5.17 -11.37 14.00
N VAL D 194 -5.68 -10.28 14.56
CA VAL D 194 -4.86 -9.23 15.19
C VAL D 194 -3.93 -9.78 16.27
N SER D 195 -4.47 -10.66 17.12
CA SER D 195 -3.71 -11.23 18.22
C SER D 195 -2.65 -12.20 17.73
N ALA D 196 -3.00 -13.02 16.75
CA ALA D 196 -2.06 -13.92 16.09
C ALA D 196 -0.90 -13.13 15.50
N ASN D 197 -1.23 -12.04 14.78
CA ASN D 197 -0.24 -11.17 14.16
C ASN D 197 0.73 -10.56 15.17
N ARG D 198 0.20 -10.19 16.34
CA ARG D 198 1.01 -9.65 17.44
C ARG D 198 1.92 -10.74 18.00
N LEU D 199 1.37 -11.94 18.10
CA LEU D 199 2.13 -13.07 18.59
C LEU D 199 3.26 -13.41 17.62
N ILE D 200 3.00 -13.28 16.32
CA ILE D 200 4.02 -13.46 15.29
C ILE D 200 5.12 -12.40 15.42
N HIS D 201 4.73 -11.18 15.76
CA HIS D 201 5.71 -10.11 15.95
C HIS D 201 6.56 -10.35 17.19
N GLN D 202 5.94 -10.87 18.25
CA GLN D 202 6.65 -11.14 19.51
C GLN D 202 7.71 -12.22 19.33
N THR D 203 7.39 -13.24 18.53
CA THR D 203 8.35 -14.31 18.24
C THR D 203 9.49 -13.82 17.35
N ASN D 204 9.20 -12.86 16.47
CA ASN D 204 10.22 -12.22 15.64
C ASN D 204 11.19 -11.36 16.44
N LEU D 205 10.67 -10.69 17.48
CA LEU D 205 11.50 -9.89 18.38
C LEU D 205 12.42 -10.79 19.22
N ILE D 206 11.92 -11.97 19.59
CA ILE D 206 12.74 -12.98 20.26
C ILE D 206 13.99 -13.28 19.42
N LEU D 207 13.79 -13.54 18.13
CA LEU D 207 14.89 -13.88 17.22
C LEU D 207 15.89 -12.75 17.03
N GLN D 208 15.39 -11.52 16.90
CA GLN D 208 16.24 -10.34 16.71
C GLN D 208 17.09 -10.04 17.95
N THR D 209 16.52 -10.27 19.13
CA THR D 209 17.26 -10.12 20.38
C THR D 209 18.34 -11.21 20.49
N PHE D 210 18.01 -12.41 20.01
CA PHE D 210 18.94 -13.53 20.01
C PHE D 210 20.03 -13.45 18.94
N LYS D 211 19.87 -12.51 18.00
CA LYS D 211 20.89 -12.30 16.97
C LYS D 211 21.70 -11.04 17.29
N SER E 3 36.84 -9.69 -0.14
CA SER E 3 37.74 -8.70 0.53
C SER E 3 37.67 -7.32 -0.14
N GLU E 4 37.60 -7.31 -1.46
CA GLU E 4 37.54 -6.07 -2.26
C GLU E 4 36.30 -5.24 -1.98
N LEU E 5 35.24 -5.89 -1.48
CA LEU E 5 34.00 -5.23 -1.09
C LEU E 5 34.22 -4.31 0.11
N ASP E 6 35.01 -4.79 1.08
CA ASP E 6 35.32 -4.03 2.30
C ASP E 6 36.41 -2.99 2.08
N ARG E 7 37.31 -3.27 1.14
CA ARG E 7 38.44 -2.38 0.83
C ARG E 7 38.01 -0.99 0.37
N LEU E 8 36.86 -0.93 -0.29
CA LEU E 8 36.27 0.33 -0.74
C LEU E 8 35.74 1.17 0.42
N LEU E 9 34.95 0.54 1.30
CA LEU E 9 34.32 1.23 2.43
C LEU E 9 35.34 1.82 3.41
N LEU E 10 36.47 1.12 3.60
CA LEU E 10 37.51 1.56 4.51
C LEU E 10 38.19 2.85 4.03
N GLU E 11 38.52 2.89 2.74
CA GLU E 11 39.16 4.07 2.15
C GLU E 11 38.19 5.23 1.94
N LEU E 12 36.90 4.92 1.87
CA LEU E 12 35.86 5.95 1.76
C LEU E 12 35.55 6.58 3.12
N ASN E 13 35.70 5.81 4.18
CA ASN E 13 35.51 6.31 5.55
C ASN E 13 36.80 6.86 6.14
#